data_8RVC
#
_entry.id   8RVC
#
_cell.length_a   148.45
_cell.length_b   65.873
_cell.length_c   75.041
_cell.angle_alpha   90
_cell.angle_beta   90
_cell.angle_gamma   90
#
_symmetry.space_group_name_H-M   'P 21 21 2'
#
loop_
_entity.id
_entity.type
_entity.pdbx_description
1 polymer '2-ketoarginine methyltransferase'
2 non-polymer '5-[(diaminomethylidene)amino]-2-oxopentanoic acid'
3 non-polymer 'MAGNESIUM ION'
4 non-polymer DI(HYDROXYETHYL)ETHER
5 non-polymer 'TRIETHYLENE GLYCOL'
6 non-polymer 1,2-ETHANEDIOL
7 non-polymer 'SODIUM ION'
8 water water
#
_entity_poly.entity_id   1
_entity_poly.type   'polypeptide(L)'
_entity_poly.pdbx_seq_one_letter_code
;MGSSHHHHHHSSGLVPRGSHMNLLDSIKSENTGFETTLIKGIEPIRQFVLAISIYHLFDTKLFSLLIKHEVASPEVACNE
LGMEKEKLLGLFRYLKNEGILLETIDGFSLSKEGHALAPFEGWYVMLVGGYATTFLQMGERLQEGAGWATRDATKVGVGS
CGISHFDAIPLTRSLMAQAPGTCTKLLDLGCGNGRYLAEFCKALPQIQAWGAEPDRGGFEEAVDLIEKEGLSHRVHISHS
GAVEFLDSDFDFEPDFIVLGFVLHEILGQAGRPAVVNFLKKIVHRFPAINLIIIEVDNQFDNAGAMRHGLALAYYNPYYL
LHCFTNQLLVQDADWLDIFAEAGLSLVTRETTSDQVDSTGLEIGYLLRRA
;
_entity_poly.pdbx_strand_id   A,B
#
loop_
_chem_comp.id
_chem_comp.type
_chem_comp.name
_chem_comp.formula
EDO non-polymer 1,2-ETHANEDIOL 'C2 H6 O2'
MG non-polymer 'MAGNESIUM ION' 'Mg 2'
NA non-polymer 'SODIUM ION' 'Na 1'
NWG non-polymer '5-[(diaminomethylidene)amino]-2-oxopentanoic acid' 'C6 H11 N3 O3'
PEG non-polymer DI(HYDROXYETHYL)ETHER 'C4 H10 O3'
PGE non-polymer 'TRIETHYLENE GLYCOL' 'C6 H14 O4'
#
# COMPACT_ATOMS: atom_id res chain seq x y z
N ASN A 31 10.05 3.36 -49.49
CA ASN A 31 9.76 2.34 -48.50
C ASN A 31 9.56 0.97 -49.19
N THR A 32 10.48 0.61 -50.08
CA THR A 32 10.40 -0.66 -50.81
C THR A 32 10.43 -1.85 -49.84
N GLY A 33 9.46 -2.74 -49.96
CA GLY A 33 9.34 -3.93 -49.11
C GLY A 33 9.04 -3.66 -47.65
N PHE A 34 8.55 -2.45 -47.30
CA PHE A 34 8.26 -2.12 -45.91
C PHE A 34 7.13 -2.97 -45.31
N GLU A 35 6.05 -3.22 -46.05
CA GLU A 35 4.90 -3.97 -45.52
C GLU A 35 5.27 -5.34 -44.97
N THR A 36 6.10 -6.12 -45.69
CA THR A 36 6.51 -7.43 -45.20
C THR A 36 7.28 -7.31 -43.87
N THR A 37 8.13 -6.27 -43.72
CA THR A 37 8.86 -6.05 -42.47
C THR A 37 7.88 -5.62 -41.35
N LEU A 38 6.84 -4.83 -41.71
CA LEU A 38 5.82 -4.36 -40.75
C LEU A 38 5.00 -5.52 -40.16
N ILE A 39 4.57 -6.45 -41.01
CA ILE A 39 3.79 -7.60 -40.56
C ILE A 39 4.57 -8.43 -39.50
N LYS A 40 5.88 -8.58 -39.68
CA LYS A 40 6.72 -9.27 -38.68
C LYS A 40 7.01 -8.36 -37.47
N GLY A 41 7.31 -7.10 -37.74
CA GLY A 41 7.60 -6.10 -36.71
C GLY A 41 6.52 -5.87 -35.67
N ILE A 42 5.24 -5.95 -36.08
CA ILE A 42 4.12 -5.75 -35.15
C ILE A 42 3.42 -7.07 -34.79
N GLU A 43 4.03 -8.24 -35.10
CA GLU A 43 3.50 -9.54 -34.70
C GLU A 43 3.29 -9.59 -33.16
N PRO A 44 4.20 -9.06 -32.30
CA PRO A 44 3.90 -9.04 -30.86
C PRO A 44 2.62 -8.25 -30.50
N ILE A 45 2.28 -7.17 -31.27
CA ILE A 45 1.06 -6.39 -31.01
C ILE A 45 -0.18 -7.24 -31.36
N ARG A 46 -0.15 -7.97 -32.50
CA ARG A 46 -1.26 -8.85 -32.92
C ARG A 46 -1.60 -9.85 -31.79
N GLN A 47 -0.56 -10.46 -31.23
CA GLN A 47 -0.70 -11.46 -30.19
C GLN A 47 -1.07 -10.83 -28.83
N PHE A 48 -0.64 -9.60 -28.58
CA PHE A 48 -0.99 -8.82 -27.38
C PHE A 48 -2.51 -8.63 -27.29
N VAL A 49 -3.15 -8.22 -28.41
CA VAL A 49 -4.60 -8.02 -28.42
C VAL A 49 -5.31 -9.37 -28.29
N LEU A 50 -4.78 -10.41 -28.94
CA LEU A 50 -5.35 -11.76 -28.87
C LEU A 50 -5.33 -12.32 -27.44
N ALA A 51 -4.22 -12.12 -26.69
CA ALA A 51 -4.11 -12.60 -25.31
C ALA A 51 -5.13 -11.91 -24.42
N ILE A 52 -5.35 -10.60 -24.61
CA ILE A 52 -6.35 -9.86 -23.82
C ILE A 52 -7.76 -10.37 -24.15
N SER A 53 -8.05 -10.57 -25.44
CA SER A 53 -9.36 -11.06 -25.87
C SER A 53 -9.63 -12.48 -25.35
N ILE A 54 -8.60 -13.37 -25.35
CA ILE A 54 -8.74 -14.74 -24.81
C ILE A 54 -9.01 -14.64 -23.30
N TYR A 55 -8.29 -13.76 -22.58
CA TYR A 55 -8.54 -13.56 -21.15
C TYR A 55 -10.03 -13.18 -20.89
N HIS A 56 -10.57 -12.20 -21.64
CA HIS A 56 -11.97 -11.80 -21.45
C HIS A 56 -12.93 -12.91 -21.83
N LEU A 57 -12.60 -13.71 -22.85
CA LEU A 57 -13.45 -14.85 -23.25
C LEU A 57 -13.65 -15.81 -22.05
N PHE A 58 -12.58 -16.07 -21.27
CA PHE A 58 -12.69 -16.89 -20.07
C PHE A 58 -13.33 -16.13 -18.88
N ASP A 59 -12.79 -14.95 -18.53
CA ASP A 59 -13.21 -14.19 -17.35
C ASP A 59 -14.68 -13.77 -17.34
N THR A 60 -15.25 -13.42 -18.50
CA THR A 60 -16.66 -13.01 -18.59
C THR A 60 -17.64 -14.21 -18.58
N LYS A 61 -17.13 -15.47 -18.62
CA LYS A 61 -17.95 -16.70 -18.68
C LYS A 61 -18.44 -17.01 -20.11
N LEU A 62 -17.99 -16.27 -21.15
CA LEU A 62 -18.38 -16.55 -22.54
C LEU A 62 -17.83 -17.90 -22.99
N PHE A 63 -16.61 -18.28 -22.56
CA PHE A 63 -16.02 -19.56 -22.92
C PHE A 63 -16.89 -20.71 -22.39
N SER A 64 -17.28 -20.68 -21.10
CA SER A 64 -18.10 -21.73 -20.52
C SER A 64 -19.51 -21.73 -21.12
N LEU A 65 -20.04 -20.55 -21.49
CA LEU A 65 -21.35 -20.46 -22.16
C LEU A 65 -21.26 -21.16 -23.52
N LEU A 66 -20.18 -20.94 -24.28
CA LEU A 66 -20.02 -21.57 -25.60
C LEU A 66 -19.82 -23.08 -25.49
N ILE A 67 -19.17 -23.56 -24.40
CA ILE A 67 -19.00 -25.00 -24.16
C ILE A 67 -20.40 -25.61 -23.92
N LYS A 68 -21.18 -24.97 -23.03
CA LYS A 68 -22.53 -25.42 -22.67
C LYS A 68 -23.53 -25.41 -23.85
N HIS A 69 -23.63 -24.29 -24.57
CA HIS A 69 -24.57 -24.16 -25.68
C HIS A 69 -24.14 -24.83 -26.98
N GLU A 70 -22.80 -24.99 -27.21
CA GLU A 70 -22.19 -25.53 -28.42
C GLU A 70 -22.22 -24.50 -29.55
N VAL A 71 -23.40 -23.93 -29.85
CA VAL A 71 -23.60 -22.87 -30.83
C VAL A 71 -24.48 -21.82 -30.15
N ALA A 72 -24.10 -20.53 -30.22
CA ALA A 72 -24.89 -19.47 -29.60
C ALA A 72 -24.85 -18.19 -30.43
N SER A 73 -26.01 -17.61 -30.70
CA SER A 73 -26.11 -16.35 -31.44
C SER A 73 -25.74 -15.18 -30.49
N PRO A 74 -25.32 -14.00 -30.99
CA PRO A 74 -25.03 -12.89 -30.06
C PRO A 74 -26.22 -12.52 -29.17
N GLU A 75 -27.45 -12.64 -29.69
CA GLU A 75 -28.68 -12.33 -28.94
C GLU A 75 -28.84 -13.27 -27.74
N VAL A 76 -28.61 -14.58 -27.93
CA VAL A 76 -28.74 -15.56 -26.84
C VAL A 76 -27.66 -15.30 -25.77
N ALA A 77 -26.40 -15.13 -26.18
CA ALA A 77 -25.33 -14.85 -25.24
C ALA A 77 -25.54 -13.54 -24.46
N CYS A 78 -26.09 -12.51 -25.11
CA CYS A 78 -26.37 -11.23 -24.45
C CYS A 78 -27.46 -11.37 -23.39
N ASN A 79 -28.50 -12.17 -23.65
CA ASN A 79 -29.58 -12.35 -22.67
C ASN A 79 -29.09 -13.11 -21.45
N GLU A 80 -28.25 -14.12 -21.65
CA GLU A 80 -27.74 -14.94 -20.56
C GLU A 80 -26.72 -14.22 -19.66
N LEU A 81 -25.80 -13.41 -20.23
CA LEU A 81 -24.77 -12.72 -19.44
C LEU A 81 -25.02 -11.21 -19.25
N GLY A 82 -26.15 -10.69 -19.73
CA GLY A 82 -26.48 -9.27 -19.59
C GLY A 82 -25.54 -8.36 -20.35
N MET A 83 -25.27 -8.68 -21.62
CA MET A 83 -24.32 -7.95 -22.48
C MET A 83 -25.00 -7.15 -23.60
N GLU A 84 -24.24 -6.23 -24.25
CA GLU A 84 -24.74 -5.43 -25.37
CA GLU A 84 -24.74 -5.42 -25.35
C GLU A 84 -24.36 -6.12 -26.67
N LYS A 85 -25.33 -6.27 -27.59
CA LYS A 85 -25.16 -6.97 -28.87
C LYS A 85 -24.03 -6.45 -29.77
N GLU A 86 -23.93 -5.12 -30.02
CA GLU A 86 -22.92 -4.60 -30.94
C GLU A 86 -21.49 -4.78 -30.44
N LYS A 87 -21.26 -4.68 -29.12
CA LYS A 87 -19.93 -4.91 -28.56
C LYS A 87 -19.59 -6.41 -28.61
N LEU A 88 -20.56 -7.28 -28.25
CA LEU A 88 -20.31 -8.73 -28.28
C LEU A 88 -20.06 -9.25 -29.70
N LEU A 89 -20.83 -8.75 -30.68
CA LEU A 89 -20.63 -9.14 -32.07
C LEU A 89 -19.23 -8.72 -32.56
N GLY A 90 -18.74 -7.58 -32.11
CA GLY A 90 -17.39 -7.12 -32.44
C GLY A 90 -16.32 -8.06 -31.90
N LEU A 91 -16.45 -8.48 -30.62
CA LEU A 91 -15.50 -9.43 -30.04
C LEU A 91 -15.56 -10.79 -30.76
N PHE A 92 -16.78 -11.26 -31.08
CA PHE A 92 -16.94 -12.53 -31.78
C PHE A 92 -16.38 -12.50 -33.20
N ARG A 93 -16.57 -11.37 -33.93
CA ARG A 93 -16.05 -11.24 -35.30
C ARG A 93 -14.52 -11.22 -35.24
N TYR A 94 -13.94 -10.49 -34.26
CA TYR A 94 -12.48 -10.44 -34.07
C TYR A 94 -11.93 -11.86 -33.83
N LEU A 95 -12.55 -12.63 -32.92
CA LEU A 95 -12.11 -13.99 -32.58
C LEU A 95 -12.33 -14.97 -33.73
N LYS A 96 -13.35 -14.75 -34.58
CA LYS A 96 -13.57 -15.57 -35.77
C LYS A 96 -12.44 -15.35 -36.77
N ASN A 97 -12.04 -14.07 -37.00
CA ASN A 97 -10.95 -13.77 -37.93
C ASN A 97 -9.63 -14.42 -37.46
N GLU A 98 -9.42 -14.58 -36.15
CA GLU A 98 -8.24 -15.25 -35.62
C GLU A 98 -8.37 -16.81 -35.51
N GLY A 99 -9.51 -17.37 -35.94
CA GLY A 99 -9.71 -18.82 -35.90
C GLY A 99 -10.04 -19.42 -34.55
N ILE A 100 -10.41 -18.59 -33.57
CA ILE A 100 -10.80 -19.06 -32.23
C ILE A 100 -12.28 -19.48 -32.24
N LEU A 101 -13.12 -18.78 -33.04
CA LEU A 101 -14.53 -19.11 -33.21
C LEU A 101 -14.87 -19.41 -34.68
N LEU A 102 -15.97 -20.15 -34.89
CA LEU A 102 -16.58 -20.48 -36.17
C LEU A 102 -17.93 -19.75 -36.20
N GLU A 103 -18.41 -19.39 -37.39
CA GLU A 103 -19.71 -18.73 -37.54
C GLU A 103 -20.58 -19.52 -38.51
N THR A 104 -21.74 -19.98 -38.05
CA THR A 104 -22.73 -20.70 -38.87
C THR A 104 -24.04 -19.85 -38.89
N ILE A 105 -25.08 -20.30 -39.63
CA ILE A 105 -26.36 -19.59 -39.67
C ILE A 105 -27.01 -19.55 -38.26
N ASP A 106 -26.79 -20.58 -37.42
CA ASP A 106 -27.35 -20.63 -36.07
C ASP A 106 -26.60 -19.73 -35.06
N GLY A 107 -25.33 -19.43 -35.31
CA GLY A 107 -24.55 -18.57 -34.42
C GLY A 107 -23.07 -18.90 -34.38
N PHE A 108 -22.40 -18.47 -33.31
CA PHE A 108 -20.96 -18.68 -33.12
C PHE A 108 -20.68 -19.86 -32.20
N SER A 109 -19.58 -20.56 -32.48
CA SER A 109 -19.15 -21.71 -31.70
C SER A 109 -17.62 -21.71 -31.58
N LEU A 110 -17.09 -22.41 -30.58
CA LEU A 110 -15.64 -22.52 -30.43
C LEU A 110 -15.10 -23.46 -31.51
N SER A 111 -14.00 -23.06 -32.15
CA SER A 111 -13.33 -23.90 -33.14
C SER A 111 -12.53 -25.01 -32.38
N LYS A 112 -11.82 -25.91 -33.11
CA LYS A 112 -10.98 -26.92 -32.44
C LYS A 112 -9.84 -26.20 -31.69
N GLU A 113 -9.25 -25.16 -32.30
CA GLU A 113 -8.19 -24.36 -31.68
C GLU A 113 -8.70 -23.63 -30.43
N GLY A 114 -9.91 -23.08 -30.50
CA GLY A 114 -10.56 -22.42 -29.37
C GLY A 114 -10.82 -23.39 -28.24
N HIS A 115 -11.35 -24.59 -28.54
CA HIS A 115 -11.60 -25.65 -27.55
C HIS A 115 -10.31 -26.01 -26.83
N ALA A 116 -9.19 -26.13 -27.57
CA ALA A 116 -7.90 -26.50 -27.02
C ALA A 116 -7.31 -25.47 -26.05
N LEU A 117 -7.89 -24.26 -25.94
CA LEU A 117 -7.42 -23.26 -24.97
C LEU A 117 -7.91 -23.57 -23.55
N ALA A 118 -9.01 -24.34 -23.38
CA ALA A 118 -9.62 -24.63 -22.07
C ALA A 118 -8.64 -24.93 -20.89
N PRO A 119 -7.63 -25.82 -20.99
CA PRO A 119 -6.76 -26.06 -19.82
C PRO A 119 -5.91 -24.87 -19.38
N PHE A 120 -5.69 -23.88 -20.26
CA PHE A 120 -4.78 -22.78 -19.97
C PHE A 120 -5.42 -21.54 -19.37
N GLU A 121 -6.71 -21.61 -18.98
CA GLU A 121 -7.44 -20.48 -18.38
C GLU A 121 -6.66 -19.78 -17.23
N GLY A 122 -6.12 -20.56 -16.31
CA GLY A 122 -5.38 -20.03 -15.16
C GLY A 122 -4.22 -19.13 -15.52
N TRP A 123 -3.48 -19.47 -16.59
CA TRP A 123 -2.35 -18.67 -17.05
C TRP A 123 -2.82 -17.31 -17.58
N TYR A 124 -3.94 -17.28 -18.35
CA TYR A 124 -4.50 -16.03 -18.85
C TYR A 124 -5.06 -15.18 -17.71
N VAL A 125 -5.79 -15.79 -16.78
CA VAL A 125 -6.36 -15.05 -15.65
C VAL A 125 -5.22 -14.48 -14.77
N MET A 126 -4.16 -15.25 -14.51
CA MET A 126 -3.04 -14.78 -13.67
C MET A 126 -2.19 -13.68 -14.35
N LEU A 127 -1.67 -13.95 -15.55
CA LEU A 127 -0.73 -13.03 -16.20
C LEU A 127 -1.42 -11.85 -16.90
N VAL A 128 -2.64 -12.03 -17.45
CA VAL A 128 -3.33 -10.91 -18.07
C VAL A 128 -4.23 -10.21 -17.03
N GLY A 129 -5.17 -10.93 -16.43
CA GLY A 129 -6.04 -10.35 -15.42
C GLY A 129 -5.29 -9.78 -14.23
N GLY A 130 -4.34 -10.56 -13.72
CA GLY A 130 -3.59 -10.17 -12.53
C GLY A 130 -2.47 -9.19 -12.76
N TYR A 131 -1.65 -9.41 -13.81
CA TYR A 131 -0.46 -8.60 -14.02
C TYR A 131 -0.44 -7.68 -15.25
N ALA A 132 -1.52 -7.53 -16.05
CA ALA A 132 -1.49 -6.58 -17.19
C ALA A 132 -1.16 -5.16 -16.69
N THR A 133 -1.82 -4.70 -15.61
CA THR A 133 -1.56 -3.37 -15.04
C THR A 133 -0.11 -3.23 -14.57
N THR A 134 0.47 -4.30 -14.00
CA THR A 134 1.84 -4.32 -13.52
C THR A 134 2.82 -4.07 -14.67
N PHE A 135 2.68 -4.80 -15.78
CA PHE A 135 3.54 -4.60 -16.94
C PHE A 135 3.32 -3.21 -17.55
N LEU A 136 2.07 -2.73 -17.62
CA LEU A 136 1.78 -1.40 -18.15
C LEU A 136 2.35 -0.27 -17.28
N GLN A 137 2.55 -0.51 -15.98
CA GLN A 137 3.12 0.48 -15.06
C GLN A 137 4.67 0.52 -15.11
N MET A 138 5.34 -0.41 -15.82
CA MET A 138 6.81 -0.48 -15.80
C MET A 138 7.50 0.83 -16.19
N GLY A 139 7.03 1.51 -17.23
CA GLY A 139 7.61 2.78 -17.67
C GLY A 139 7.65 3.85 -16.58
N GLU A 140 6.53 4.03 -15.86
CA GLU A 140 6.48 5.01 -14.78
C GLU A 140 7.22 4.51 -13.53
N ARG A 141 7.13 3.20 -13.20
CA ARG A 141 7.78 2.66 -12.00
C ARG A 141 9.31 2.58 -12.13
N LEU A 142 9.86 2.66 -13.35
CA LEU A 142 11.31 2.70 -13.53
C LEU A 142 11.93 3.97 -12.93
N GLN A 143 11.18 5.09 -12.87
CA GLN A 143 11.71 6.34 -12.34
C GLN A 143 12.13 6.23 -10.87
N GLU A 144 13.19 6.96 -10.50
CA GLU A 144 13.72 6.96 -9.13
C GLU A 144 12.63 7.37 -8.13
N GLY A 145 12.42 6.54 -7.13
CA GLY A 145 11.45 6.77 -6.07
C GLY A 145 9.99 6.62 -6.43
N ALA A 146 9.66 5.99 -7.59
CA ALA A 146 8.27 5.80 -8.01
C ALA A 146 7.54 4.65 -7.29
N GLY A 147 8.26 3.84 -6.51
CA GLY A 147 7.63 2.74 -5.75
C GLY A 147 7.41 1.48 -6.55
N TRP A 148 6.73 0.51 -5.94
CA TRP A 148 6.46 -0.77 -6.58
C TRP A 148 5.21 -0.71 -7.44
N ALA A 149 5.19 -1.48 -8.53
CA ALA A 149 4.02 -1.59 -9.39
C ALA A 149 2.94 -2.37 -8.65
N THR A 150 1.68 -1.96 -8.81
CA THR A 150 0.56 -2.66 -8.20
C THR A 150 0.11 -3.82 -9.11
N ARG A 151 -0.78 -4.67 -8.61
CA ARG A 151 -1.33 -5.81 -9.35
C ARG A 151 -2.79 -6.00 -8.93
N ASP A 152 -3.56 -6.79 -9.69
CA ASP A 152 -4.93 -7.14 -9.29
C ASP A 152 -4.74 -8.48 -8.58
N ALA A 153 -4.53 -8.46 -7.25
CA ALA A 153 -4.27 -9.67 -6.48
C ALA A 153 -5.41 -10.69 -6.49
N THR A 154 -6.66 -10.28 -6.81
CA THR A 154 -7.77 -11.22 -6.90
C THR A 154 -7.54 -12.16 -8.08
N LYS A 155 -7.22 -11.59 -9.25
CA LYS A 155 -7.00 -12.40 -10.46
C LYS A 155 -5.68 -13.18 -10.35
N VAL A 156 -4.67 -12.66 -9.62
CA VAL A 156 -3.43 -13.42 -9.41
C VAL A 156 -3.74 -14.70 -8.62
N GLY A 157 -4.49 -14.56 -7.53
CA GLY A 157 -4.86 -15.69 -6.69
C GLY A 157 -5.70 -16.73 -7.41
N VAL A 158 -6.77 -16.27 -8.09
CA VAL A 158 -7.68 -17.15 -8.83
C VAL A 158 -6.89 -17.87 -9.95
N GLY A 159 -6.12 -17.10 -10.72
CA GLY A 159 -5.31 -17.64 -11.81
C GLY A 159 -4.26 -18.64 -11.38
N SER A 160 -3.43 -18.30 -10.37
CA SER A 160 -2.38 -19.21 -9.91
C SER A 160 -2.97 -20.51 -9.33
N CYS A 161 -4.15 -20.42 -8.69
CA CYS A 161 -4.82 -21.61 -8.18
C CYS A 161 -5.28 -22.52 -9.34
N GLY A 162 -5.72 -21.94 -10.44
CA GLY A 162 -6.09 -22.69 -11.64
C GLY A 162 -4.89 -23.42 -12.23
N ILE A 163 -3.71 -22.78 -12.20
CA ILE A 163 -2.46 -23.38 -12.70
C ILE A 163 -2.03 -24.54 -11.78
N SER A 164 -2.12 -24.35 -10.45
CA SER A 164 -1.72 -25.34 -9.44
CA SER A 164 -1.69 -25.34 -9.46
C SER A 164 -2.31 -26.73 -9.65
N HIS A 165 -3.48 -26.83 -10.32
CA HIS A 165 -4.08 -28.13 -10.63
C HIS A 165 -3.09 -29.01 -11.42
N PHE A 166 -2.27 -28.39 -12.30
CA PHE A 166 -1.30 -29.11 -13.12
C PHE A 166 0.08 -29.28 -12.50
N ASP A 167 0.63 -28.26 -11.80
CA ASP A 167 2.00 -28.35 -11.29
C ASP A 167 2.16 -28.47 -9.74
N ALA A 168 1.70 -27.46 -8.97
CA ALA A 168 1.94 -27.41 -7.54
C ALA A 168 1.11 -28.38 -6.68
N ILE A 169 -0.15 -28.67 -7.05
CA ILE A 169 -0.97 -29.63 -6.28
C ILE A 169 -0.37 -31.06 -6.44
N PRO A 170 -0.07 -31.59 -7.66
CA PRO A 170 0.58 -32.92 -7.73
C PRO A 170 1.94 -32.97 -7.01
N LEU A 171 2.72 -31.86 -7.05
CA LEU A 171 4.01 -31.81 -6.34
C LEU A 171 3.79 -31.87 -4.81
N THR A 172 2.79 -31.13 -4.28
CA THR A 172 2.48 -31.16 -2.85
C THR A 172 2.07 -32.58 -2.43
N ARG A 173 1.29 -33.27 -3.28
CA ARG A 173 0.84 -34.63 -3.01
C ARG A 173 2.02 -35.60 -2.90
N SER A 174 2.98 -35.52 -3.85
CA SER A 174 4.15 -36.39 -3.84
C SER A 174 4.99 -36.19 -2.56
N LEU A 175 5.14 -34.94 -2.10
CA LEU A 175 5.91 -34.66 -0.88
C LEU A 175 5.15 -35.10 0.37
N MET A 176 3.82 -34.91 0.40
CA MET A 176 2.98 -35.36 1.51
C MET A 176 3.11 -36.87 1.70
N ALA A 177 3.12 -37.65 0.60
CA ALA A 177 3.26 -39.11 0.64
C ALA A 177 4.60 -39.59 1.22
N GLN A 178 5.66 -38.77 1.16
CA GLN A 178 6.98 -39.12 1.68
C GLN A 178 7.23 -38.64 3.13
N ALA A 179 6.25 -37.98 3.77
CA ALA A 179 6.40 -37.49 5.14
C ALA A 179 6.26 -38.63 6.18
N PRO A 180 6.88 -38.53 7.38
CA PRO A 180 6.74 -39.64 8.36
C PRO A 180 5.40 -39.71 9.11
N GLY A 181 4.40 -38.95 8.66
CA GLY A 181 3.08 -38.97 9.27
C GLY A 181 1.99 -38.64 8.26
N THR A 182 0.74 -38.99 8.59
CA THR A 182 -0.40 -38.73 7.71
C THR A 182 -1.01 -37.37 8.03
N CYS A 183 -1.51 -36.69 7.02
CA CYS A 183 -2.15 -35.40 7.19
C CYS A 183 -3.58 -35.57 7.73
N THR A 184 -3.92 -34.84 8.82
CA THR A 184 -5.25 -34.80 9.43
C THR A 184 -5.76 -33.35 9.55
N LYS A 185 -4.87 -32.40 9.82
CA LYS A 185 -5.21 -30.98 9.99
C LYS A 185 -4.24 -30.16 9.12
N LEU A 186 -4.75 -29.61 8.01
CA LEU A 186 -3.94 -28.87 7.03
C LEU A 186 -4.13 -27.36 7.12
N LEU A 187 -3.03 -26.61 7.07
CA LEU A 187 -3.06 -25.14 7.08
C LEU A 187 -2.42 -24.66 5.77
N ASP A 188 -3.15 -23.86 5.00
CA ASP A 188 -2.66 -23.32 3.73
C ASP A 188 -2.65 -21.79 3.86
N LEU A 189 -1.47 -21.19 3.95
CA LEU A 189 -1.34 -19.74 4.04
C LEU A 189 -1.10 -19.20 2.62
N GLY A 190 -1.82 -18.15 2.25
CA GLY A 190 -1.80 -17.60 0.90
C GLY A 190 -2.53 -18.56 -0.02
N CYS A 191 -3.76 -18.94 0.37
CA CYS A 191 -4.54 -19.97 -0.31
C CYS A 191 -5.24 -19.54 -1.61
N GLY A 192 -5.23 -18.25 -1.96
CA GLY A 192 -5.91 -17.79 -3.17
C GLY A 192 -7.41 -18.02 -3.09
N ASN A 193 -7.98 -18.66 -4.11
CA ASN A 193 -9.40 -19.04 -4.08
C ASN A 193 -9.64 -20.42 -3.38
N GLY A 194 -8.64 -20.98 -2.71
CA GLY A 194 -8.78 -22.24 -1.98
C GLY A 194 -8.80 -23.53 -2.77
N ARG A 195 -8.21 -23.56 -3.99
CA ARG A 195 -8.19 -24.79 -4.81
C ARG A 195 -7.31 -25.92 -4.25
N TYR A 196 -6.17 -25.61 -3.59
CA TYR A 196 -5.32 -26.66 -2.99
C TYR A 196 -6.12 -27.42 -1.93
N LEU A 197 -6.84 -26.67 -1.05
CA LEU A 197 -7.61 -27.29 0.00
C LEU A 197 -8.80 -28.05 -0.57
N ALA A 198 -9.49 -27.50 -1.58
CA ALA A 198 -10.61 -28.18 -2.21
C ALA A 198 -10.18 -29.52 -2.82
N GLU A 199 -9.06 -29.54 -3.57
CA GLU A 199 -8.58 -30.78 -4.20
C GLU A 199 -8.09 -31.80 -3.18
N PHE A 200 -7.33 -31.35 -2.16
CA PHE A 200 -6.83 -32.29 -1.13
C PHE A 200 -7.97 -32.84 -0.25
N CYS A 201 -8.97 -32.01 0.10
CA CYS A 201 -10.09 -32.47 0.92
C CYS A 201 -10.98 -33.46 0.19
N LYS A 202 -11.21 -33.27 -1.11
CA LYS A 202 -12.03 -34.21 -1.88
C LYS A 202 -11.32 -35.58 -1.95
N ALA A 203 -10.01 -35.59 -2.23
CA ALA A 203 -9.23 -36.83 -2.35
C ALA A 203 -8.95 -37.52 -1.00
N LEU A 204 -8.87 -36.74 0.10
CA LEU A 204 -8.58 -37.27 1.43
C LEU A 204 -9.72 -36.86 2.38
N PRO A 205 -10.86 -37.60 2.39
CA PRO A 205 -12.02 -37.20 3.23
C PRO A 205 -11.82 -37.04 4.75
N GLN A 206 -10.72 -37.52 5.35
CA GLN A 206 -10.50 -37.35 6.79
C GLN A 206 -9.99 -35.94 7.17
N ILE A 207 -9.41 -35.19 6.21
CA ILE A 207 -8.75 -33.91 6.49
C ILE A 207 -9.70 -32.79 6.93
N GLN A 208 -9.25 -32.03 7.93
CA GLN A 208 -9.86 -30.80 8.42
C GLN A 208 -8.85 -29.73 7.98
N ALA A 209 -9.30 -28.65 7.32
CA ALA A 209 -8.38 -27.64 6.79
C ALA A 209 -8.75 -26.18 7.09
N TRP A 210 -7.72 -25.32 7.11
CA TRP A 210 -7.86 -23.89 7.34
C TRP A 210 -6.98 -23.19 6.32
N GLY A 211 -7.58 -22.27 5.56
CA GLY A 211 -6.88 -21.49 4.55
C GLY A 211 -6.91 -20.01 4.93
N ALA A 212 -5.88 -19.25 4.53
CA ALA A 212 -5.82 -17.81 4.82
C ALA A 212 -5.41 -17.11 3.54
N GLU A 213 -6.12 -16.05 3.14
CA GLU A 213 -5.79 -15.31 1.93
C GLU A 213 -5.84 -13.81 2.23
N PRO A 214 -4.75 -13.02 2.05
CA PRO A 214 -4.82 -11.59 2.40
C PRO A 214 -5.66 -10.68 1.48
N ASP A 215 -5.82 -11.04 0.19
CA ASP A 215 -6.59 -10.20 -0.73
C ASP A 215 -8.08 -10.43 -0.48
N ARG A 216 -8.86 -9.35 -0.28
CA ARG A 216 -10.29 -9.50 0.02
C ARG A 216 -11.07 -10.19 -1.09
N GLY A 217 -10.84 -9.79 -2.34
CA GLY A 217 -11.48 -10.42 -3.48
C GLY A 217 -11.19 -11.91 -3.56
N GLY A 218 -9.93 -12.30 -3.39
CA GLY A 218 -9.52 -13.70 -3.39
C GLY A 218 -10.14 -14.47 -2.24
N PHE A 219 -10.19 -13.86 -1.05
CA PHE A 219 -10.81 -14.45 0.15
C PHE A 219 -12.30 -14.76 -0.12
N GLU A 220 -13.03 -13.80 -0.73
CA GLU A 220 -14.45 -14.00 -1.02
C GLU A 220 -14.65 -15.10 -2.08
N GLU A 221 -13.73 -15.21 -3.05
CA GLU A 221 -13.76 -16.28 -4.06
C GLU A 221 -13.53 -17.64 -3.35
N ALA A 222 -12.63 -17.69 -2.35
CA ALA A 222 -12.34 -18.91 -1.60
C ALA A 222 -13.53 -19.38 -0.79
N VAL A 223 -14.24 -18.46 -0.09
CA VAL A 223 -15.43 -18.81 0.69
C VAL A 223 -16.50 -19.39 -0.24
N ASP A 224 -16.68 -18.78 -1.42
CA ASP A 224 -17.65 -19.26 -2.42
C ASP A 224 -17.27 -20.61 -3.02
N LEU A 225 -15.99 -20.83 -3.36
CA LEU A 225 -15.57 -22.09 -3.95
C LEU A 225 -15.74 -23.24 -2.93
N ILE A 226 -15.38 -22.99 -1.66
CA ILE A 226 -15.54 -24.00 -0.60
C ILE A 226 -17.04 -24.34 -0.42
N GLU A 227 -17.92 -23.33 -0.43
CA GLU A 227 -19.37 -23.53 -0.32
C GLU A 227 -19.90 -24.33 -1.53
N LYS A 228 -19.50 -23.95 -2.76
CA LYS A 228 -19.90 -24.60 -4.02
C LYS A 228 -19.50 -26.09 -4.01
N GLU A 229 -18.30 -26.42 -3.51
CA GLU A 229 -17.83 -27.81 -3.47
C GLU A 229 -18.46 -28.66 -2.33
N GLY A 230 -19.20 -28.02 -1.42
CA GLY A 230 -19.82 -28.71 -0.29
C GLY A 230 -18.81 -29.08 0.79
N LEU A 231 -17.81 -28.20 1.04
CA LEU A 231 -16.76 -28.47 2.02
C LEU A 231 -16.73 -27.47 3.19
N SER A 232 -17.77 -26.65 3.39
CA SER A 232 -17.78 -25.68 4.50
C SER A 232 -17.75 -26.33 5.89
N HIS A 233 -18.27 -27.57 6.03
CA HIS A 233 -18.25 -28.26 7.32
C HIS A 233 -16.83 -28.73 7.75
N ARG A 234 -15.88 -28.81 6.80
CA ARG A 234 -14.52 -29.29 7.03
C ARG A 234 -13.40 -28.26 6.76
N VAL A 235 -13.71 -27.16 6.04
CA VAL A 235 -12.73 -26.18 5.61
C VAL A 235 -13.15 -24.77 6.03
N HIS A 236 -12.30 -24.06 6.79
CA HIS A 236 -12.55 -22.66 7.17
C HIS A 236 -11.55 -21.78 6.42
N ILE A 237 -11.98 -20.56 6.02
CA ILE A 237 -11.14 -19.62 5.31
C ILE A 237 -11.12 -18.30 6.10
N SER A 238 -9.93 -17.69 6.28
CA SER A 238 -9.75 -16.42 7.01
C SER A 238 -9.17 -15.36 6.08
N HIS A 239 -9.58 -14.09 6.26
CA HIS A 239 -9.04 -12.98 5.47
C HIS A 239 -7.84 -12.51 6.25
N SER A 240 -6.64 -12.97 5.86
CA SER A 240 -5.43 -12.66 6.62
C SER A 240 -4.16 -12.97 5.82
N GLY A 241 -3.09 -12.25 6.14
CA GLY A 241 -1.77 -12.52 5.60
C GLY A 241 -1.10 -13.66 6.35
N ALA A 242 -0.01 -14.20 5.82
CA ALA A 242 0.68 -15.33 6.44
C ALA A 242 1.31 -15.00 7.81
N VAL A 243 2.06 -13.88 7.90
CA VAL A 243 2.74 -13.51 9.15
C VAL A 243 1.72 -13.16 10.25
N GLU A 244 0.71 -12.33 9.94
CA GLU A 244 -0.29 -11.96 10.95
C GLU A 244 -1.16 -13.15 11.39
N PHE A 245 -1.33 -14.19 10.54
CA PHE A 245 -2.08 -15.38 10.93
C PHE A 245 -1.34 -16.12 12.05
N LEU A 246 0.00 -16.30 11.90
CA LEU A 246 0.80 -16.97 12.94
C LEU A 246 0.87 -16.16 14.24
N ASP A 247 0.79 -14.81 14.18
CA ASP A 247 0.76 -13.96 15.37
C ASP A 247 -0.63 -13.96 16.05
N SER A 248 -1.70 -14.33 15.34
CA SER A 248 -3.05 -14.36 15.89
C SER A 248 -3.24 -15.57 16.82
N ASP A 249 -4.29 -15.53 17.62
CA ASP A 249 -4.60 -16.56 18.61
C ASP A 249 -5.63 -17.57 18.09
N PHE A 250 -5.36 -18.87 18.25
CA PHE A 250 -6.26 -19.97 17.86
C PHE A 250 -5.78 -21.30 18.46
N ASP A 251 -6.70 -22.25 18.73
CA ASP A 251 -6.32 -23.55 19.30
C ASP A 251 -6.12 -24.66 18.26
N PHE A 252 -6.39 -24.41 16.96
CA PHE A 252 -6.20 -25.41 15.91
C PHE A 252 -4.73 -25.82 15.86
N GLU A 253 -4.45 -27.12 15.83
CA GLU A 253 -3.08 -27.65 15.86
C GLU A 253 -2.77 -28.39 14.56
N PRO A 254 -2.31 -27.70 13.48
CA PRO A 254 -2.06 -28.42 12.23
C PRO A 254 -0.85 -29.33 12.31
N ASP A 255 -0.89 -30.45 11.59
CA ASP A 255 0.27 -31.36 11.45
C ASP A 255 0.98 -31.15 10.07
N PHE A 256 0.35 -30.39 9.13
CA PHE A 256 0.93 -30.02 7.84
C PHE A 256 0.62 -28.55 7.57
N ILE A 257 1.61 -27.82 7.05
CA ILE A 257 1.47 -26.42 6.64
C ILE A 257 2.03 -26.32 5.23
N VAL A 258 1.24 -25.73 4.31
CA VAL A 258 1.63 -25.55 2.92
C VAL A 258 1.90 -24.05 2.71
N LEU A 259 3.11 -23.73 2.24
CA LEU A 259 3.53 -22.37 1.92
C LEU A 259 3.89 -22.36 0.43
N GLY A 260 2.85 -22.32 -0.40
CA GLY A 260 2.99 -22.33 -1.85
C GLY A 260 3.18 -20.94 -2.43
N PHE A 261 4.44 -20.59 -2.78
CA PHE A 261 4.79 -19.28 -3.37
C PHE A 261 4.40 -18.12 -2.43
N VAL A 262 4.71 -18.27 -1.14
CA VAL A 262 4.39 -17.28 -0.10
C VAL A 262 5.66 -16.65 0.47
N LEU A 263 6.69 -17.44 0.74
CA LEU A 263 7.92 -16.95 1.34
C LEU A 263 8.61 -15.84 0.53
N HIS A 264 8.61 -15.91 -0.82
CA HIS A 264 9.25 -14.85 -1.61
C HIS A 264 8.48 -13.51 -1.53
N GLU A 265 7.18 -13.53 -1.13
CA GLU A 265 6.45 -12.28 -0.92
C GLU A 265 6.92 -11.68 0.41
N ILE A 266 7.04 -12.51 1.46
CA ILE A 266 7.52 -12.04 2.78
C ILE A 266 8.96 -11.54 2.65
N LEU A 267 9.80 -12.26 1.88
CA LEU A 267 11.20 -11.90 1.67
C LEU A 267 11.34 -10.50 1.06
N GLY A 268 10.57 -10.21 0.02
CA GLY A 268 10.60 -8.91 -0.61
C GLY A 268 10.01 -7.81 0.25
N GLN A 269 8.86 -8.07 0.90
CA GLN A 269 8.16 -7.08 1.72
C GLN A 269 8.84 -6.74 3.05
N ALA A 270 9.30 -7.75 3.80
CA ALA A 270 9.85 -7.59 5.15
C ALA A 270 11.34 -7.94 5.33
N GLY A 271 11.96 -8.66 4.40
CA GLY A 271 13.38 -9.00 4.49
C GLY A 271 13.68 -10.42 4.96
N ARG A 272 14.97 -10.83 4.85
CA ARG A 272 15.40 -12.19 5.23
C ARG A 272 15.21 -12.49 6.75
N PRO A 273 15.58 -11.61 7.72
CA PRO A 273 15.33 -11.97 9.13
C PRO A 273 13.85 -12.21 9.44
N ALA A 274 12.92 -11.52 8.76
CA ALA A 274 11.50 -11.73 8.96
C ALA A 274 11.04 -13.12 8.47
N VAL A 275 11.65 -13.64 7.37
CA VAL A 275 11.32 -14.97 6.86
C VAL A 275 11.83 -16.02 7.87
N VAL A 276 13.07 -15.84 8.36
CA VAL A 276 13.68 -16.76 9.33
C VAL A 276 12.84 -16.78 10.61
N ASN A 277 12.44 -15.60 11.13
CA ASN A 277 11.63 -15.53 12.34
C ASN A 277 10.23 -16.16 12.13
N PHE A 278 9.64 -15.99 10.94
CA PHE A 278 8.35 -16.59 10.59
C PHE A 278 8.43 -18.12 10.63
N LEU A 279 9.50 -18.69 10.06
CA LEU A 279 9.70 -20.14 10.06
C LEU A 279 10.02 -20.65 11.48
N LYS A 280 10.79 -19.89 12.27
CA LYS A 280 11.08 -20.27 13.66
C LYS A 280 9.77 -20.28 14.47
N LYS A 281 8.88 -19.28 14.27
CA LYS A 281 7.60 -19.23 14.98
C LYS A 281 6.68 -20.42 14.65
N ILE A 282 6.70 -20.93 13.40
CA ILE A 282 5.90 -22.09 13.02
C ILE A 282 6.32 -23.31 13.85
N VAL A 283 7.62 -23.62 13.89
CA VAL A 283 8.10 -24.80 14.63
C VAL A 283 8.12 -24.57 16.15
N HIS A 284 8.13 -23.32 16.63
CA HIS A 284 8.05 -23.06 18.08
C HIS A 284 6.61 -23.36 18.54
N ARG A 285 5.62 -22.91 17.77
CA ARG A 285 4.21 -23.11 18.09
C ARG A 285 3.76 -24.56 17.81
N PHE A 286 4.26 -25.16 16.72
CA PHE A 286 3.91 -26.54 16.32
C PHE A 286 5.22 -27.36 16.13
N PRO A 287 5.84 -27.88 17.21
CA PRO A 287 7.12 -28.61 17.05
C PRO A 287 7.12 -29.88 16.19
N ALA A 288 5.99 -30.59 16.08
CA ALA A 288 5.91 -31.82 15.29
C ALA A 288 5.35 -31.60 13.86
N ILE A 289 5.17 -30.34 13.41
CA ILE A 289 4.57 -30.05 12.11
C ILE A 289 5.47 -30.47 10.93
N ASN A 290 4.84 -30.75 9.79
CA ASN A 290 5.52 -31.04 8.54
C ASN A 290 5.28 -29.82 7.65
N LEU A 291 6.33 -29.19 7.11
CA LEU A 291 6.17 -28.00 6.27
C LEU A 291 6.43 -28.37 4.81
N ILE A 292 5.55 -27.94 3.90
CA ILE A 292 5.73 -28.17 2.46
C ILE A 292 5.81 -26.77 1.86
N ILE A 293 6.98 -26.40 1.35
CA ILE A 293 7.23 -25.06 0.82
C ILE A 293 7.48 -25.18 -0.69
N ILE A 294 6.78 -24.39 -1.51
CA ILE A 294 7.00 -24.41 -2.97
C ILE A 294 7.54 -23.02 -3.35
N GLU A 295 8.66 -22.97 -4.08
CA GLU A 295 9.27 -21.73 -4.53
C GLU A 295 9.83 -21.88 -5.94
N VAL A 296 10.07 -20.74 -6.61
CA VAL A 296 10.66 -20.72 -7.94
C VAL A 296 12.13 -20.34 -7.78
N ASP A 297 13.02 -21.20 -8.28
CA ASP A 297 14.47 -21.00 -8.27
C ASP A 297 14.77 -19.84 -9.24
N ASN A 298 15.46 -18.80 -8.79
CA ASN A 298 15.78 -17.65 -9.64
C ASN A 298 16.98 -17.95 -10.55
N GLN A 299 16.72 -18.31 -11.81
CA GLN A 299 17.77 -18.57 -12.81
C GLN A 299 17.59 -17.60 -14.01
N PHE A 300 17.19 -16.34 -13.71
CA PHE A 300 16.91 -15.31 -14.71
C PHE A 300 18.12 -14.99 -15.60
N ASP A 301 19.32 -15.10 -15.03
CA ASP A 301 20.58 -14.81 -15.75
C ASP A 301 21.31 -16.09 -16.21
N ASN A 302 20.63 -17.26 -16.23
CA ASN A 302 21.22 -18.53 -16.66
C ASN A 302 20.84 -18.70 -18.15
N ALA A 303 21.80 -18.43 -19.06
CA ALA A 303 21.55 -18.49 -20.50
C ALA A 303 20.89 -19.80 -20.97
N GLY A 304 21.42 -20.95 -20.54
CA GLY A 304 20.89 -22.27 -20.91
C GLY A 304 19.48 -22.55 -20.43
N ALA A 305 19.21 -22.21 -19.17
CA ALA A 305 17.88 -22.41 -18.59
C ALA A 305 16.84 -21.54 -19.30
N MET A 306 17.19 -20.32 -19.72
CA MET A 306 16.22 -19.42 -20.34
C MET A 306 15.91 -19.74 -21.82
N ARG A 307 16.58 -20.72 -22.44
CA ARG A 307 16.24 -21.12 -23.83
C ARG A 307 15.15 -22.24 -23.87
N HIS A 308 14.77 -22.81 -22.71
CA HIS A 308 13.68 -23.79 -22.61
C HIS A 308 12.39 -23.08 -23.02
N GLY A 309 11.58 -23.70 -23.88
CA GLY A 309 10.32 -23.11 -24.33
C GLY A 309 9.41 -22.60 -23.23
N LEU A 310 9.30 -23.33 -22.11
CA LEU A 310 8.46 -22.89 -20.99
C LEU A 310 9.15 -21.79 -20.18
N ALA A 311 10.49 -21.82 -20.10
CA ALA A 311 11.21 -20.74 -19.43
C ALA A 311 10.99 -19.40 -20.15
N LEU A 312 10.97 -19.41 -21.49
CA LEU A 312 10.74 -18.20 -22.26
C LEU A 312 9.26 -17.76 -22.20
N ALA A 313 8.31 -18.71 -22.30
CA ALA A 313 6.88 -18.36 -22.28
C ALA A 313 6.34 -17.90 -20.93
N TYR A 314 6.79 -18.55 -19.83
CA TYR A 314 6.28 -18.26 -18.48
C TYR A 314 7.31 -17.66 -17.50
N TYR A 315 8.49 -18.30 -17.32
CA TYR A 315 9.42 -17.84 -16.29
C TYR A 315 10.08 -16.48 -16.62
N ASN A 316 10.33 -16.17 -17.90
CA ASN A 316 10.94 -14.88 -18.27
C ASN A 316 9.98 -13.70 -17.84
N PRO A 317 8.67 -13.66 -18.22
CA PRO A 317 7.81 -12.59 -17.68
C PRO A 317 7.56 -12.69 -16.16
N TYR A 318 7.61 -13.91 -15.56
CA TYR A 318 7.46 -14.09 -14.10
C TYR A 318 8.64 -13.42 -13.36
N TYR A 319 9.87 -13.62 -13.83
CA TYR A 319 11.03 -12.97 -13.22
C TYR A 319 10.94 -11.46 -13.41
N LEU A 320 10.49 -10.99 -14.60
CA LEU A 320 10.36 -9.55 -14.85
C LEU A 320 9.36 -8.89 -13.87
N LEU A 321 8.16 -9.46 -13.71
CA LEU A 321 7.18 -8.89 -12.79
C LEU A 321 7.69 -8.88 -11.33
N HIS A 322 8.55 -9.84 -10.93
CA HIS A 322 9.12 -9.87 -9.58
C HIS A 322 10.12 -8.72 -9.35
N CYS A 323 10.78 -8.19 -10.40
CA CYS A 323 11.65 -7.03 -10.25
C CYS A 323 10.83 -5.73 -10.04
N PHE A 324 9.56 -5.68 -10.48
CA PHE A 324 8.73 -4.47 -10.36
C PHE A 324 7.76 -4.51 -9.18
N THR A 325 7.55 -5.66 -8.54
CA THR A 325 6.65 -5.77 -7.38
C THR A 325 7.46 -5.99 -6.10
N ASN A 326 6.82 -5.84 -4.92
CA ASN A 326 7.48 -6.00 -3.63
CA ASN A 326 7.49 -6.01 -3.62
C ASN A 326 7.61 -7.50 -3.26
N GLN A 327 8.24 -8.28 -4.14
CA GLN A 327 8.47 -9.71 -4.01
C GLN A 327 9.92 -9.95 -4.40
N LEU A 328 10.55 -11.01 -3.85
CA LEU A 328 11.94 -11.30 -4.21
C LEU A 328 12.16 -12.80 -4.37
N LEU A 329 12.55 -13.22 -5.58
CA LEU A 329 12.86 -14.61 -5.86
C LEU A 329 14.36 -14.81 -5.66
N VAL A 330 14.74 -15.92 -4.99
CA VAL A 330 16.14 -16.26 -4.74
C VAL A 330 16.42 -17.71 -5.27
N GLN A 331 17.67 -18.19 -5.16
CA GLN A 331 18.02 -19.51 -5.67
C GLN A 331 17.72 -20.64 -4.67
N ASP A 332 17.67 -21.88 -5.17
CA ASP A 332 17.47 -23.09 -4.39
C ASP A 332 18.41 -23.15 -3.16
N ALA A 333 19.71 -22.84 -3.36
CA ALA A 333 20.69 -22.85 -2.26
C ALA A 333 20.41 -21.78 -1.21
N ASP A 334 19.88 -20.60 -1.64
CA ASP A 334 19.56 -19.51 -0.73
C ASP A 334 18.41 -19.95 0.18
N TRP A 335 17.39 -20.66 -0.37
CA TRP A 335 16.29 -21.17 0.45
C TRP A 335 16.78 -22.21 1.44
N LEU A 336 17.62 -23.16 1.02
CA LEU A 336 18.16 -24.18 1.93
C LEU A 336 18.95 -23.55 3.09
N ASP A 337 19.65 -22.43 2.82
CA ASP A 337 20.39 -21.70 3.86
C ASP A 337 19.42 -21.07 4.87
N ILE A 338 18.31 -20.48 4.37
CA ILE A 338 17.28 -19.88 5.22
C ILE A 338 16.67 -20.95 6.12
N PHE A 339 16.35 -22.12 5.55
CA PHE A 339 15.75 -23.21 6.31
C PHE A 339 16.69 -23.71 7.42
N ALA A 340 18.00 -23.82 7.13
CA ALA A 340 18.99 -24.24 8.14
C ALA A 340 19.06 -23.22 9.29
N GLU A 341 19.06 -21.91 8.95
CA GLU A 341 19.10 -20.83 9.95
C GLU A 341 17.86 -20.86 10.85
N ALA A 342 16.68 -21.16 10.28
CA ALA A 342 15.43 -21.23 11.06
C ALA A 342 15.29 -22.51 11.92
N GLY A 343 16.31 -23.37 11.95
CA GLY A 343 16.28 -24.59 12.73
C GLY A 343 15.46 -25.71 12.10
N LEU A 344 15.49 -25.84 10.76
CA LEU A 344 14.74 -26.88 10.05
C LEU A 344 15.67 -27.91 9.44
N SER A 345 15.15 -29.14 9.30
CA SER A 345 15.84 -30.27 8.69
C SER A 345 15.07 -30.66 7.42
N LEU A 346 15.77 -30.89 6.31
CA LEU A 346 15.15 -31.27 5.05
C LEU A 346 14.92 -32.79 4.98
N VAL A 347 13.65 -33.20 4.82
CA VAL A 347 13.32 -34.61 4.68
C VAL A 347 13.65 -34.98 3.23
N THR A 348 13.13 -34.20 2.25
CA THR A 348 13.40 -34.38 0.83
C THR A 348 12.98 -33.14 0.02
N ARG A 349 13.45 -33.05 -1.25
CA ARG A 349 13.04 -31.99 -2.16
C ARG A 349 12.88 -32.57 -3.55
N GLU A 350 11.95 -31.99 -4.31
CA GLU A 350 11.58 -32.47 -5.63
C GLU A 350 11.19 -31.32 -6.55
N THR A 351 11.24 -31.57 -7.85
CA THR A 351 10.74 -30.63 -8.85
C THR A 351 9.42 -31.22 -9.43
N THR A 352 8.75 -30.47 -10.28
CA THR A 352 7.49 -30.90 -10.90
C THR A 352 7.72 -32.03 -11.91
N SER A 353 6.63 -32.74 -12.29
CA SER A 353 6.68 -33.79 -13.31
C SER A 353 7.17 -33.19 -14.63
N ASP A 354 8.08 -33.89 -15.34
CA ASP A 354 8.59 -33.39 -16.63
C ASP A 354 7.52 -33.42 -17.76
N GLN A 355 6.30 -33.95 -17.47
CA GLN A 355 5.20 -33.93 -18.43
C GLN A 355 4.45 -32.59 -18.40
N VAL A 356 4.55 -31.80 -17.30
CA VAL A 356 3.88 -30.49 -17.18
C VAL A 356 4.90 -29.32 -17.16
N ASP A 357 6.05 -29.49 -16.49
CA ASP A 357 7.07 -28.45 -16.37
C ASP A 357 8.42 -29.12 -16.15
N SER A 358 9.22 -29.22 -17.21
CA SER A 358 10.53 -29.86 -17.19
C SER A 358 11.69 -28.86 -17.07
N THR A 359 11.43 -27.62 -16.59
CA THR A 359 12.48 -26.63 -16.43
C THR A 359 13.36 -26.89 -15.21
N GLY A 360 12.81 -27.56 -14.18
CA GLY A 360 13.51 -27.76 -12.91
C GLY A 360 13.51 -26.52 -12.03
N LEU A 361 12.76 -25.45 -12.43
CA LEU A 361 12.72 -24.18 -11.70
C LEU A 361 11.69 -24.16 -10.57
N GLU A 362 10.64 -25.00 -10.61
CA GLU A 362 9.67 -25.05 -9.52
C GLU A 362 10.13 -26.16 -8.57
N ILE A 363 10.48 -25.81 -7.34
CA ILE A 363 11.00 -26.78 -6.36
C ILE A 363 10.13 -26.81 -5.10
N GLY A 364 9.80 -28.01 -4.65
CA GLY A 364 9.03 -28.23 -3.44
C GLY A 364 9.92 -28.87 -2.39
N TYR A 365 9.88 -28.36 -1.16
CA TYR A 365 10.70 -28.83 -0.05
C TYR A 365 9.81 -29.38 1.05
N LEU A 366 10.15 -30.56 1.61
CA LEU A 366 9.43 -31.14 2.75
C LEU A 366 10.39 -31.00 3.95
N LEU A 367 9.99 -30.26 4.98
CA LEU A 367 10.84 -29.96 6.13
C LEU A 367 10.17 -30.27 7.47
N ARG A 368 11.00 -30.46 8.51
CA ARG A 368 10.58 -30.71 9.89
C ARG A 368 11.51 -29.95 10.84
N ARG A 369 11.14 -29.82 12.13
CA ARG A 369 12.00 -29.17 13.12
C ARG A 369 13.24 -30.05 13.31
N ALA A 370 14.45 -29.44 13.28
CA ALA A 370 15.70 -30.18 13.45
C ALA A 370 15.88 -30.66 14.90
N ASN B 31 -45.31 21.92 5.26
CA ASN B 31 -43.93 22.14 5.64
C ASN B 31 -43.78 23.54 6.27
N THR B 32 -44.65 23.85 7.23
CA THR B 32 -44.63 25.16 7.90
C THR B 32 -43.29 25.38 8.63
N GLY B 33 -42.63 26.50 8.35
CA GLY B 33 -41.36 26.85 8.95
C GLY B 33 -40.18 25.97 8.56
N PHE B 34 -40.29 25.20 7.48
CA PHE B 34 -39.22 24.29 7.06
C PHE B 34 -37.94 25.02 6.66
N GLU B 35 -38.04 26.13 5.92
CA GLU B 35 -36.85 26.86 5.43
C GLU B 35 -35.90 27.27 6.54
N THR B 36 -36.41 27.83 7.65
CA THR B 36 -35.55 28.22 8.76
C THR B 36 -34.80 26.99 9.34
N THR B 37 -35.46 25.83 9.42
CA THR B 37 -34.81 24.60 9.91
C THR B 37 -33.76 24.13 8.88
N LEU B 38 -34.05 24.29 7.57
CA LEU B 38 -33.14 23.89 6.49
C LEU B 38 -31.83 24.69 6.52
N ILE B 39 -31.93 26.01 6.69
CA ILE B 39 -30.73 26.88 6.73
C ILE B 39 -29.79 26.44 7.86
N LYS B 40 -30.32 26.04 9.03
CA LYS B 40 -29.48 25.52 10.12
C LYS B 40 -29.03 24.08 9.85
N GLY B 41 -29.94 23.25 9.34
CA GLY B 41 -29.68 21.85 9.04
C GLY B 41 -28.56 21.60 8.04
N ILE B 42 -28.41 22.47 7.03
CA ILE B 42 -27.35 22.32 6.03
C ILE B 42 -26.19 23.32 6.23
N GLU B 43 -26.11 24.00 7.40
CA GLU B 43 -24.98 24.88 7.73
C GLU B 43 -23.64 24.11 7.61
N PRO B 44 -23.51 22.82 8.07
CA PRO B 44 -22.25 22.12 7.83
C PRO B 44 -21.88 21.99 6.35
N ILE B 45 -22.88 21.87 5.42
CA ILE B 45 -22.61 21.76 3.98
C ILE B 45 -22.07 23.11 3.46
N ARG B 46 -22.67 24.24 3.88
CA ARG B 46 -22.21 25.58 3.48
C ARG B 46 -20.72 25.76 3.81
N GLN B 47 -20.33 25.36 5.02
CA GLN B 47 -18.96 25.50 5.50
C GLN B 47 -18.03 24.45 4.85
N PHE B 48 -18.55 23.27 4.50
CA PHE B 48 -17.81 22.24 3.79
C PHE B 48 -17.30 22.75 2.44
N VAL B 49 -18.17 23.42 1.67
CA VAL B 49 -17.77 23.95 0.36
C VAL B 49 -16.78 25.12 0.57
N LEU B 50 -17.03 25.96 1.59
CA LEU B 50 -16.14 27.08 1.90
C LEU B 50 -14.73 26.61 2.29
N ALA B 51 -14.60 25.53 3.09
CA ALA B 51 -13.28 25.01 3.48
C ALA B 51 -12.52 24.48 2.26
N ILE B 52 -13.19 23.82 1.32
CA ILE B 52 -12.55 23.33 0.09
C ILE B 52 -12.10 24.52 -0.77
N SER B 53 -12.96 25.53 -0.92
CA SER B 53 -12.63 26.72 -1.71
C SER B 53 -11.45 27.50 -1.09
N ILE B 54 -11.39 27.61 0.26
CA ILE B 54 -10.28 28.28 0.94
C ILE B 54 -8.99 27.47 0.70
N TYR B 55 -9.07 26.13 0.79
CA TYR B 55 -7.91 25.27 0.50
C TYR B 55 -7.35 25.55 -0.92
N HIS B 56 -8.23 25.58 -1.94
CA HIS B 56 -7.78 25.85 -3.32
C HIS B 56 -7.24 27.27 -3.46
N LEU B 57 -7.82 28.24 -2.76
CA LEU B 57 -7.32 29.63 -2.79
C LEU B 57 -5.83 29.67 -2.38
N PHE B 58 -5.44 28.90 -1.34
CA PHE B 58 -4.04 28.80 -0.93
C PHE B 58 -3.21 27.91 -1.87
N ASP B 59 -3.65 26.66 -2.11
CA ASP B 59 -2.89 25.66 -2.87
C ASP B 59 -2.57 26.05 -4.32
N THR B 60 -3.49 26.75 -5.00
CA THR B 60 -3.26 27.19 -6.38
C THR B 60 -2.36 28.44 -6.49
N LYS B 61 -2.00 29.07 -5.34
CA LYS B 61 -1.20 30.31 -5.27
C LYS B 61 -2.03 31.57 -5.59
N LEU B 62 -3.38 31.47 -5.63
CA LEU B 62 -4.24 32.64 -5.83
C LEU B 62 -4.17 33.55 -4.60
N PHE B 63 -4.06 32.98 -3.39
CA PHE B 63 -3.97 33.79 -2.17
C PHE B 63 -2.70 34.66 -2.21
N SER B 64 -1.53 34.05 -2.52
CA SER B 64 -0.28 34.81 -2.57
C SER B 64 -0.28 35.81 -3.73
N LEU B 65 -0.95 35.48 -4.86
CA LEU B 65 -1.08 36.42 -5.99
C LEU B 65 -1.89 37.64 -5.54
N LEU B 66 -3.00 37.42 -4.80
CA LEU B 66 -3.83 38.53 -4.33
C LEU B 66 -3.10 39.39 -3.28
N ILE B 67 -2.23 38.79 -2.46
CA ILE B 67 -1.41 39.54 -1.49
C ILE B 67 -0.44 40.44 -2.27
N LYS B 68 0.25 39.87 -3.27
CA LYS B 68 1.23 40.59 -4.10
C LYS B 68 0.61 41.72 -4.95
N HIS B 69 -0.48 41.43 -5.67
CA HIS B 69 -1.10 42.42 -6.55
C HIS B 69 -2.01 43.43 -5.82
N GLU B 70 -2.57 43.05 -4.66
CA GLU B 70 -3.52 43.85 -3.86
C GLU B 70 -4.91 43.82 -4.51
N VAL B 71 -5.01 44.16 -5.81
CA VAL B 71 -6.24 44.11 -6.60
C VAL B 71 -5.86 43.41 -7.91
N ALA B 72 -6.65 42.42 -8.35
CA ALA B 72 -6.37 41.70 -9.59
C ALA B 72 -7.65 41.31 -10.31
N SER B 73 -7.73 41.62 -11.61
CA SER B 73 -8.89 41.25 -12.42
C SER B 73 -8.79 39.74 -12.78
N PRO B 74 -9.90 39.03 -13.13
CA PRO B 74 -9.76 37.62 -13.52
C PRO B 74 -8.79 37.40 -14.69
N GLU B 75 -8.73 38.35 -15.63
CA GLU B 75 -7.84 38.27 -16.79
C GLU B 75 -6.37 38.28 -16.36
N VAL B 76 -5.99 39.17 -15.42
CA VAL B 76 -4.61 39.24 -14.94
C VAL B 76 -4.23 37.96 -14.19
N ALA B 77 -5.08 37.49 -13.27
CA ALA B 77 -4.81 36.27 -12.53
C ALA B 77 -4.72 35.04 -13.44
N CYS B 78 -5.54 34.98 -14.50
CA CYS B 78 -5.50 33.86 -15.46
C CYS B 78 -4.20 33.83 -16.24
N ASN B 79 -3.67 35.00 -16.64
CA ASN B 79 -2.41 35.05 -17.39
C ASN B 79 -1.23 34.62 -16.51
N GLU B 80 -1.23 35.02 -15.23
CA GLU B 80 -0.15 34.71 -14.30
C GLU B 80 -0.09 33.24 -13.91
N LEU B 81 -1.25 32.61 -13.64
CA LEU B 81 -1.29 31.21 -13.20
C LEU B 81 -1.75 30.20 -14.26
N GLY B 82 -2.00 30.65 -15.50
CA GLY B 82 -2.42 29.77 -16.58
C GLY B 82 -3.78 29.16 -16.36
N MET B 83 -4.77 30.00 -15.96
CA MET B 83 -6.14 29.57 -15.63
C MET B 83 -7.19 29.99 -16.67
N GLU B 84 -8.41 29.41 -16.59
CA GLU B 84 -9.53 29.72 -17.49
C GLU B 84 -10.39 30.78 -16.82
N LYS B 85 -10.78 31.83 -17.56
CA LYS B 85 -11.52 32.96 -17.02
C LYS B 85 -12.88 32.62 -16.40
N GLU B 86 -13.74 31.86 -17.11
CA GLU B 86 -15.08 31.58 -16.60
C GLU B 86 -15.09 30.76 -15.30
N LYS B 87 -14.14 29.81 -15.15
CA LYS B 87 -14.03 29.03 -13.92
C LYS B 87 -13.49 29.93 -12.79
N LEU B 88 -12.45 30.75 -13.06
CA LEU B 88 -11.89 31.62 -12.02
C LEU B 88 -12.89 32.67 -11.56
N LEU B 89 -13.65 33.26 -12.48
CA LEU B 89 -14.66 34.25 -12.13
C LEU B 89 -15.74 33.61 -11.23
N GLY B 90 -16.09 32.35 -11.48
CA GLY B 90 -17.04 31.62 -10.65
C GLY B 90 -16.53 31.44 -9.23
N LEU B 91 -15.24 31.04 -9.06
CA LEU B 91 -14.66 30.89 -7.73
C LEU B 91 -14.59 32.25 -7.01
N PHE B 92 -14.21 33.31 -7.73
CA PHE B 92 -14.13 34.65 -7.14
C PHE B 92 -15.50 35.20 -6.74
N ARG B 93 -16.55 34.96 -7.57
CA ARG B 93 -17.90 35.42 -7.23
C ARG B 93 -18.40 34.66 -6.00
N TYR B 94 -18.15 33.34 -5.93
CA TYR B 94 -18.52 32.52 -4.77
C TYR B 94 -17.85 33.08 -3.48
N LEU B 95 -16.54 33.36 -3.53
CA LEU B 95 -15.78 33.86 -2.39
C LEU B 95 -16.19 35.29 -2.01
N LYS B 96 -16.63 36.10 -2.99
CA LYS B 96 -17.13 37.45 -2.72
C LYS B 96 -18.45 37.36 -1.94
N ASN B 97 -19.36 36.46 -2.35
CA ASN B 97 -20.64 36.28 -1.66
C ASN B 97 -20.42 35.84 -0.20
N GLU B 98 -19.35 35.09 0.09
CA GLU B 98 -19.01 34.68 1.46
C GLU B 98 -18.15 35.72 2.24
N GLY B 99 -17.84 36.87 1.65
CA GLY B 99 -17.07 37.92 2.32
C GLY B 99 -15.57 37.69 2.41
N ILE B 100 -15.03 36.72 1.64
CA ILE B 100 -13.59 36.44 1.62
C ILE B 100 -12.88 37.42 0.65
N LEU B 101 -13.57 37.81 -0.45
CA LEU B 101 -13.06 38.78 -1.41
C LEU B 101 -14.01 39.98 -1.53
N LEU B 102 -13.45 41.11 -2.01
CA LEU B 102 -14.13 42.36 -2.35
C LEU B 102 -14.03 42.52 -3.87
N GLU B 103 -15.00 43.19 -4.49
CA GLU B 103 -14.98 43.43 -5.93
C GLU B 103 -15.09 44.93 -6.21
N THR B 104 -14.10 45.51 -6.88
CA THR B 104 -14.09 46.92 -7.29
C THR B 104 -14.05 46.97 -8.85
N ILE B 105 -14.09 48.18 -9.45
CA ILE B 105 -14.00 48.30 -10.91
C ILE B 105 -12.64 47.76 -11.44
N ASP B 106 -11.56 47.87 -10.65
CA ASP B 106 -10.24 47.38 -11.04
C ASP B 106 -10.09 45.84 -10.94
N GLY B 107 -10.89 45.20 -10.07
CA GLY B 107 -10.83 43.75 -9.92
C GLY B 107 -11.15 43.26 -8.53
N PHE B 108 -10.71 42.04 -8.20
CA PHE B 108 -10.97 41.41 -6.91
C PHE B 108 -9.77 41.54 -5.98
N SER B 109 -10.05 41.65 -4.68
CA SER B 109 -9.02 41.77 -3.65
C SER B 109 -9.46 41.01 -2.40
N LEU B 110 -8.50 40.64 -1.54
CA LEU B 110 -8.83 39.96 -0.30
C LEU B 110 -9.47 40.96 0.67
N SER B 111 -10.56 40.56 1.33
CA SER B 111 -11.19 41.40 2.35
C SER B 111 -10.35 41.32 3.66
N LYS B 112 -10.76 42.02 4.73
CA LYS B 112 -10.04 41.91 6.02
C LYS B 112 -10.16 40.47 6.55
N GLU B 113 -11.36 39.86 6.41
CA GLU B 113 -11.59 38.48 6.83
C GLU B 113 -10.73 37.49 6.01
N GLY B 114 -10.62 37.73 4.70
CA GLY B 114 -9.78 36.92 3.82
C GLY B 114 -8.31 37.04 4.19
N HIS B 115 -7.82 38.27 4.45
CA HIS B 115 -6.43 38.51 4.88
C HIS B 115 -6.13 37.74 6.16
N ALA B 116 -7.07 37.74 7.12
CA ALA B 116 -6.91 37.06 8.40
C ALA B 116 -6.78 35.53 8.30
N LEU B 117 -7.08 34.93 7.13
CA LEU B 117 -6.91 33.48 6.95
C LEU B 117 -5.44 33.08 6.76
N ALA B 118 -4.55 34.02 6.32
CA ALA B 118 -3.14 33.73 6.01
C ALA B 118 -2.38 32.79 7.01
N PRO B 119 -2.41 32.98 8.36
CA PRO B 119 -1.64 32.05 9.22
C PRO B 119 -2.13 30.60 9.24
N PHE B 120 -3.40 30.36 8.84
CA PHE B 120 -3.98 29.03 8.95
C PHE B 120 -3.84 28.13 7.71
N GLU B 121 -3.04 28.55 6.71
CA GLU B 121 -2.82 27.78 5.48
C GLU B 121 -2.47 26.30 5.73
N GLY B 122 -1.56 26.03 6.66
CA GLY B 122 -1.12 24.67 6.99
C GLY B 122 -2.25 23.74 7.40
N TRP B 123 -3.21 24.24 8.17
CA TRP B 123 -4.37 23.45 8.61
C TRP B 123 -5.25 23.07 7.41
N TYR B 124 -5.50 24.01 6.49
CA TYR B 124 -6.30 23.73 5.27
C TYR B 124 -5.55 22.76 4.35
N VAL B 125 -4.23 22.95 4.14
CA VAL B 125 -3.46 22.05 3.28
C VAL B 125 -3.39 20.62 3.90
N MET B 126 -3.21 20.51 5.22
CA MET B 126 -3.13 19.21 5.88
C MET B 126 -4.49 18.48 5.91
N LEU B 127 -5.53 19.12 6.45
CA LEU B 127 -6.81 18.45 6.66
C LEU B 127 -7.70 18.38 5.40
N VAL B 128 -7.63 19.38 4.51
CA VAL B 128 -8.41 19.31 3.28
C VAL B 128 -7.57 18.65 2.17
N GLY B 129 -6.42 19.22 1.83
CA GLY B 129 -5.55 18.64 0.81
C GLY B 129 -5.10 17.22 1.14
N GLY B 130 -4.64 17.02 2.37
CA GLY B 130 -4.14 15.72 2.79
C GLY B 130 -5.17 14.67 3.12
N TYR B 131 -6.20 15.05 3.89
CA TYR B 131 -7.17 14.08 4.39
C TYR B 131 -8.60 14.17 3.84
N ALA B 132 -8.94 15.04 2.86
CA ALA B 132 -10.32 15.03 2.31
C ALA B 132 -10.70 13.65 1.76
N THR B 133 -9.80 13.02 0.97
CA THR B 133 -10.03 11.68 0.42
C THR B 133 -10.21 10.64 1.54
N THR B 134 -9.47 10.77 2.64
CA THR B 134 -9.55 9.85 3.78
C THR B 134 -10.95 9.90 4.40
N PHE B 135 -11.46 11.11 4.69
CA PHE B 135 -12.81 11.25 5.26
C PHE B 135 -13.87 10.77 4.25
N LEU B 136 -13.69 11.07 2.96
CA LEU B 136 -14.65 10.62 1.93
C LEU B 136 -14.66 9.10 1.75
N GLN B 137 -13.56 8.41 2.08
CA GLN B 137 -13.48 6.96 1.99
C GLN B 137 -14.08 6.24 3.22
N MET B 138 -14.46 6.96 4.30
CA MET B 138 -14.93 6.32 5.53
C MET B 138 -16.10 5.34 5.31
N GLY B 139 -17.09 5.72 4.51
CA GLY B 139 -18.24 4.86 4.23
C GLY B 139 -17.86 3.49 3.67
N GLU B 140 -16.97 3.47 2.68
CA GLU B 140 -16.51 2.21 2.07
C GLU B 140 -15.53 1.47 2.99
N ARG B 141 -14.63 2.20 3.68
CA ARG B 141 -13.63 1.56 4.55
C ARG B 141 -14.24 0.98 5.85
N LEU B 142 -15.47 1.39 6.22
CA LEU B 142 -16.14 0.78 7.38
C LEU B 142 -16.44 -0.70 7.15
N GLN B 143 -16.65 -1.13 5.89
CA GLN B 143 -16.98 -2.53 5.60
C GLN B 143 -15.89 -3.50 6.03
N GLU B 144 -16.29 -4.70 6.49
CA GLU B 144 -15.37 -5.74 6.94
C GLU B 144 -14.38 -6.09 5.83
N GLY B 145 -13.09 -6.02 6.15
CA GLY B 145 -12.00 -6.34 5.24
C GLY B 145 -11.72 -5.34 4.12
N ALA B 146 -12.25 -4.10 4.23
CA ALA B 146 -12.01 -3.08 3.19
C ALA B 146 -10.63 -2.38 3.29
N GLY B 147 -9.87 -2.64 4.35
CA GLY B 147 -8.54 -2.06 4.50
C GLY B 147 -8.51 -0.65 5.05
N TRP B 148 -7.32 -0.04 5.08
CA TRP B 148 -7.15 1.32 5.60
C TRP B 148 -7.44 2.36 4.54
N ALA B 149 -7.97 3.51 4.95
CA ALA B 149 -8.22 4.62 4.05
C ALA B 149 -6.87 5.22 3.63
N THR B 150 -6.75 5.63 2.38
CA THR B 150 -5.52 6.25 1.88
C THR B 150 -5.58 7.78 2.17
N ARG B 151 -4.47 8.47 1.97
CA ARG B 151 -4.35 9.91 2.16
C ARG B 151 -3.40 10.47 1.10
N ASP B 152 -3.38 11.79 0.91
CA ASP B 152 -2.41 12.41 0.02
C ASP B 152 -1.28 12.82 0.97
N ALA B 153 -0.29 11.93 1.15
CA ALA B 153 0.81 12.17 2.10
C ALA B 153 1.67 13.40 1.77
N THR B 154 1.67 13.88 0.51
CA THR B 154 2.42 15.07 0.15
C THR B 154 1.80 16.28 0.85
N LYS B 155 0.48 16.44 0.74
CA LYS B 155 -0.20 17.57 1.36
C LYS B 155 -0.23 17.42 2.89
N VAL B 156 -0.23 16.18 3.43
CA VAL B 156 -0.16 15.99 4.88
C VAL B 156 1.19 16.54 5.40
N GLY B 157 2.28 16.16 4.73
CA GLY B 157 3.62 16.60 5.12
C GLY B 157 3.80 18.10 5.02
N VAL B 158 3.42 18.69 3.87
CA VAL B 158 3.53 20.13 3.62
C VAL B 158 2.67 20.89 4.65
N GLY B 159 1.42 20.47 4.81
CA GLY B 159 0.49 21.09 5.75
C GLY B 159 0.92 21.02 7.20
N SER B 160 1.30 19.83 7.70
CA SER B 160 1.72 19.67 9.09
CA SER B 160 1.74 19.65 9.09
C SER B 160 2.98 20.48 9.38
N CYS B 161 3.88 20.60 8.40
CA CYS B 161 5.09 21.41 8.57
C CYS B 161 4.73 22.90 8.70
N GLY B 162 3.73 23.36 7.96
CA GLY B 162 3.23 24.72 8.07
C GLY B 162 2.65 25.00 9.45
N ILE B 163 1.96 24.00 10.04
CA ILE B 163 1.38 24.11 11.39
C ILE B 163 2.52 24.16 12.44
N SER B 164 3.55 23.29 12.29
CA SER B 164 4.68 23.19 13.22
C SER B 164 5.36 24.51 13.54
N HIS B 165 5.28 25.51 12.64
CA HIS B 165 5.85 26.83 12.91
C HIS B 165 5.25 27.42 14.21
N PHE B 166 3.96 27.13 14.48
CA PHE B 166 3.27 27.65 15.66
C PHE B 166 3.38 26.75 16.91
N ASP B 167 3.28 25.40 16.77
CA ASP B 167 3.26 24.53 17.96
C ASP B 167 4.51 23.65 18.19
N ALA B 168 4.85 22.75 17.26
CA ALA B 168 5.91 21.76 17.45
C ALA B 168 7.34 22.30 17.37
N ILE B 169 7.63 23.29 16.51
CA ILE B 169 8.98 23.86 16.43
C ILE B 169 9.30 24.65 17.74
N PRO B 170 8.43 25.57 18.27
CA PRO B 170 8.76 26.21 19.57
C PRO B 170 8.88 25.19 20.72
N LEU B 171 8.08 24.10 20.71
CA LEU B 171 8.17 23.06 21.73
C LEU B 171 9.52 22.31 21.64
N THR B 172 9.97 21.98 20.42
CA THR B 172 11.26 21.30 20.21
C THR B 172 12.40 22.21 20.70
N ARG B 173 12.30 23.53 20.44
CA ARG B 173 13.29 24.51 20.88
C ARG B 173 13.41 24.54 22.41
N SER B 174 12.27 24.59 23.13
CA SER B 174 12.25 24.62 24.59
C SER B 174 12.91 23.36 25.19
N LEU B 175 12.65 22.18 24.60
CA LEU B 175 13.24 20.93 25.08
C LEU B 175 14.74 20.85 24.77
N MET B 176 15.15 21.33 23.57
CA MET B 176 16.56 21.38 23.18
C MET B 176 17.36 22.22 24.20
N ALA B 177 16.81 23.38 24.61
CA ALA B 177 17.46 24.27 25.58
C ALA B 177 17.67 23.64 26.97
N GLN B 178 16.86 22.64 27.35
CA GLN B 178 16.98 21.96 28.65
C GLN B 178 17.87 20.70 28.63
N ALA B 179 18.47 20.36 27.48
CA ALA B 179 19.30 19.16 27.36
C ALA B 179 20.77 19.48 27.69
N PRO B 180 21.59 18.50 28.15
CA PRO B 180 23.01 18.82 28.43
C PRO B 180 23.81 18.98 27.14
N GLY B 181 24.80 19.85 27.17
CA GLY B 181 25.66 20.10 26.02
C GLY B 181 25.06 21.06 25.00
N THR B 182 25.51 20.94 23.75
CA THR B 182 25.08 21.81 22.65
C THR B 182 24.79 20.96 21.39
N CYS B 183 23.86 21.41 20.55
CA CYS B 183 23.49 20.74 19.31
C CYS B 183 24.43 21.18 18.19
N THR B 184 25.15 20.23 17.58
CA THR B 184 26.02 20.51 16.42
C THR B 184 25.50 19.75 15.18
N LYS B 185 24.92 18.54 15.37
CA LYS B 185 24.39 17.72 14.29
C LYS B 185 22.96 17.26 14.66
N LEU B 186 21.96 17.56 13.80
CA LEU B 186 20.55 17.28 14.05
C LEU B 186 19.96 16.35 12.99
N LEU B 187 19.28 15.25 13.41
CA LEU B 187 18.63 14.31 12.48
C LEU B 187 17.12 14.39 12.69
N ASP B 188 16.34 14.56 11.59
CA ASP B 188 14.87 14.66 11.64
C ASP B 188 14.27 13.58 10.76
N LEU B 189 13.66 12.56 11.38
CA LEU B 189 13.03 11.47 10.63
C LEU B 189 11.53 11.82 10.48
N GLY B 190 11.00 11.66 9.27
CA GLY B 190 9.63 12.06 8.93
C GLY B 190 9.58 13.57 8.87
N CYS B 191 10.51 14.17 8.11
CA CYS B 191 10.69 15.63 8.06
C CYS B 191 9.67 16.41 7.21
N GLY B 192 8.78 15.75 6.46
CA GLY B 192 7.82 16.44 5.60
C GLY B 192 8.52 17.25 4.53
N ASN B 193 8.19 18.55 4.40
CA ASN B 193 8.88 19.43 3.47
C ASN B 193 10.17 20.07 4.09
N GLY B 194 10.62 19.60 5.25
CA GLY B 194 11.84 20.08 5.90
C GLY B 194 11.78 21.41 6.64
N ARG B 195 10.59 21.82 7.12
CA ARG B 195 10.46 23.10 7.85
C ARG B 195 11.15 23.11 9.22
N TYR B 196 11.15 22.00 9.98
CA TYR B 196 11.82 21.95 11.29
C TYR B 196 13.32 22.23 11.11
N LEU B 197 13.93 21.62 10.09
CA LEU B 197 15.35 21.80 9.84
C LEU B 197 15.65 23.19 9.31
N ALA B 198 14.79 23.72 8.41
CA ALA B 198 14.99 25.06 7.89
C ALA B 198 14.93 26.12 9.01
N GLU B 199 13.95 26.02 9.93
CA GLU B 199 13.82 26.97 11.03
C GLU B 199 14.94 26.84 12.07
N PHE B 200 15.34 25.62 12.42
CA PHE B 200 16.43 25.42 13.38
C PHE B 200 17.80 25.83 12.79
N CYS B 201 18.05 25.55 11.50
CA CYS B 201 19.31 25.93 10.87
C CYS B 201 19.46 27.44 10.72
N LYS B 202 18.35 28.16 10.44
CA LYS B 202 18.40 29.62 10.32
C LYS B 202 18.70 30.28 11.68
N ALA B 203 18.07 29.77 12.76
CA ALA B 203 18.27 30.28 14.11
C ALA B 203 19.60 29.87 14.75
N LEU B 204 20.14 28.68 14.37
CA LEU B 204 21.39 28.14 14.92
C LEU B 204 22.37 27.90 13.74
N PRO B 205 23.08 28.95 13.26
CA PRO B 205 23.97 28.77 12.08
C PRO B 205 25.11 27.76 12.15
N GLN B 206 25.51 27.31 13.35
CA GLN B 206 26.61 26.38 13.49
C GLN B 206 26.23 24.91 13.24
N ILE B 207 24.92 24.58 13.12
CA ILE B 207 24.51 23.19 12.99
C ILE B 207 24.46 22.66 11.55
N GLN B 208 24.64 21.34 11.44
CA GLN B 208 24.50 20.57 10.20
C GLN B 208 23.29 19.64 10.44
N ALA B 209 22.46 19.40 9.42
CA ALA B 209 21.28 18.57 9.59
C ALA B 209 21.03 17.58 8.45
N TRP B 210 20.32 16.48 8.77
CA TRP B 210 19.91 15.45 7.83
C TRP B 210 18.44 15.14 8.11
N GLY B 211 17.61 15.23 7.07
CA GLY B 211 16.18 14.94 7.16
C GLY B 211 15.82 13.76 6.29
N ALA B 212 14.80 12.99 6.67
CA ALA B 212 14.35 11.83 5.88
C ALA B 212 12.84 11.89 5.78
N GLU B 213 12.29 11.75 4.57
CA GLU B 213 10.83 11.79 4.39
C GLU B 213 10.42 10.62 3.48
N PRO B 214 9.52 9.69 3.89
CA PRO B 214 9.19 8.56 3.01
C PRO B 214 8.31 8.88 1.79
N ASP B 215 7.47 9.93 1.84
CA ASP B 215 6.60 10.26 0.70
C ASP B 215 7.44 10.96 -0.37
N ARG B 216 7.38 10.49 -1.63
CA ARG B 216 8.20 11.07 -2.69
C ARG B 216 7.88 12.53 -2.96
N GLY B 217 6.59 12.88 -3.03
CA GLY B 217 6.17 14.27 -3.22
C GLY B 217 6.69 15.18 -2.12
N GLY B 218 6.56 14.75 -0.87
CA GLY B 218 7.05 15.50 0.28
C GLY B 218 8.57 15.65 0.27
N PHE B 219 9.29 14.57 -0.10
CA PHE B 219 10.75 14.57 -0.25
C PHE B 219 11.18 15.62 -1.28
N GLU B 220 10.51 15.67 -2.44
CA GLU B 220 10.87 16.63 -3.49
C GLU B 220 10.57 18.07 -3.04
N GLU B 221 9.50 18.28 -2.25
CA GLU B 221 9.19 19.59 -1.67
C GLU B 221 10.29 19.99 -0.69
N ALA B 222 10.82 19.02 0.10
CA ALA B 222 11.88 19.28 1.07
C ALA B 222 13.18 19.70 0.39
N VAL B 223 13.58 19.01 -0.70
CA VAL B 223 14.80 19.34 -1.44
C VAL B 223 14.67 20.77 -2.00
N ASP B 224 13.49 21.13 -2.53
CA ASP B 224 13.24 22.46 -3.07
C ASP B 224 13.22 23.54 -1.98
N LEU B 225 12.58 23.27 -0.83
CA LEU B 225 12.51 24.23 0.27
C LEU B 225 13.91 24.53 0.82
N ILE B 226 14.73 23.49 0.99
CA ILE B 226 16.10 23.64 1.48
C ILE B 226 16.92 24.48 0.47
N GLU B 227 16.77 24.19 -0.84
CA GLU B 227 17.45 24.93 -1.90
C GLU B 227 17.03 26.41 -1.90
N LYS B 228 15.71 26.69 -1.84
CA LYS B 228 15.19 28.05 -1.82
C LYS B 228 15.67 28.85 -0.61
N GLU B 229 15.77 28.23 0.58
CA GLU B 229 16.26 28.92 1.78
C GLU B 229 17.79 29.14 1.79
N GLY B 230 18.52 28.54 0.83
CA GLY B 230 19.97 28.64 0.75
C GLY B 230 20.67 27.81 1.81
N LEU B 231 20.14 26.61 2.11
CA LEU B 231 20.70 25.74 3.14
C LEU B 231 21.21 24.38 2.61
N SER B 232 21.36 24.20 1.29
CA SER B 232 21.84 22.92 0.73
C SER B 232 23.26 22.55 1.17
N HIS B 233 24.11 23.55 1.47
CA HIS B 233 25.48 23.28 1.90
C HIS B 233 25.58 22.67 3.30
N ARG B 234 24.53 22.77 4.16
CA ARG B 234 24.57 22.18 5.50
C ARG B 234 23.32 21.35 5.87
N VAL B 235 22.38 21.12 4.92
CA VAL B 235 21.21 20.25 5.15
C VAL B 235 21.07 19.26 4.00
N HIS B 236 21.08 17.94 4.30
CA HIS B 236 20.84 16.91 3.29
C HIS B 236 19.47 16.26 3.57
N ILE B 237 18.76 15.86 2.52
CA ILE B 237 17.44 15.23 2.63
C ILE B 237 17.48 13.90 1.89
N SER B 238 16.94 12.82 2.51
CA SER B 238 16.89 11.49 1.91
CA SER B 238 16.90 11.48 1.92
C SER B 238 15.45 11.01 1.77
N HIS B 239 15.15 10.25 0.70
CA HIS B 239 13.81 9.71 0.46
C HIS B 239 13.82 8.38 1.19
N SER B 240 13.30 8.35 2.42
CA SER B 240 13.35 7.15 3.25
C SER B 240 12.40 7.22 4.44
N GLY B 241 11.96 6.05 4.89
CA GLY B 241 11.16 5.93 6.11
C GLY B 241 12.07 5.95 7.33
N ALA B 242 11.49 6.11 8.52
CA ALA B 242 12.27 6.19 9.76
C ALA B 242 13.01 4.88 10.11
N VAL B 243 12.32 3.74 10.06
CA VAL B 243 12.93 2.45 10.43
C VAL B 243 14.04 2.06 9.44
N GLU B 244 13.77 2.15 8.12
CA GLU B 244 14.78 1.79 7.12
C GLU B 244 15.99 2.74 7.13
N PHE B 245 15.82 4.01 7.58
CA PHE B 245 16.95 4.94 7.67
C PHE B 245 17.93 4.45 8.74
N LEU B 246 17.42 4.04 9.93
CA LEU B 246 18.29 3.51 11.00
C LEU B 246 18.97 2.20 10.60
N ASP B 247 18.33 1.36 9.77
CA ASP B 247 18.93 0.12 9.29
C ASP B 247 19.98 0.36 8.20
N SER B 248 19.95 1.53 7.51
CA SER B 248 20.91 1.86 6.46
C SER B 248 22.28 2.23 7.05
N ASP B 249 23.34 2.15 6.23
CA ASP B 249 24.70 2.49 6.65
C ASP B 249 24.97 3.94 6.27
N PHE B 250 25.49 4.76 7.21
CA PHE B 250 25.80 6.17 6.96
C PHE B 250 26.85 6.72 7.93
N ASP B 251 27.59 7.75 7.47
CA ASP B 251 28.63 8.41 8.27
C ASP B 251 28.10 9.74 8.79
N PHE B 252 27.33 9.69 9.90
CA PHE B 252 26.78 10.87 10.55
C PHE B 252 26.45 10.51 11.99
N GLU B 253 27.01 11.26 12.96
CA GLU B 253 26.78 11.00 14.38
C GLU B 253 25.97 12.18 14.97
N PRO B 254 24.63 12.16 14.91
CA PRO B 254 23.87 13.31 15.43
C PRO B 254 23.86 13.44 16.96
N ASP B 255 23.83 14.67 17.45
CA ASP B 255 23.71 14.96 18.89
C ASP B 255 22.24 14.83 19.31
N PHE B 256 21.31 15.24 18.41
CA PHE B 256 19.88 15.23 18.66
C PHE B 256 19.14 14.52 17.52
N ILE B 257 18.06 13.80 17.86
CA ILE B 257 17.20 13.14 16.89
C ILE B 257 15.77 13.59 17.23
N VAL B 258 15.05 14.11 16.23
CA VAL B 258 13.70 14.61 16.40
C VAL B 258 12.75 13.61 15.75
N LEU B 259 11.79 13.10 16.52
CA LEU B 259 10.75 12.18 16.07
C LEU B 259 9.41 12.88 16.31
N GLY B 260 9.08 13.81 15.43
CA GLY B 260 7.85 14.59 15.52
C GLY B 260 6.68 13.91 14.85
N PHE B 261 5.78 13.29 15.64
CA PHE B 261 4.58 12.59 15.14
C PHE B 261 4.95 11.45 14.17
N VAL B 262 5.97 10.66 14.53
CA VAL B 262 6.47 9.55 13.73
C VAL B 262 6.20 8.19 14.41
N LEU B 263 6.40 8.10 15.72
CA LEU B 263 6.23 6.83 16.42
C LEU B 263 4.81 6.24 16.33
N HIS B 264 3.76 7.09 16.33
CA HIS B 264 2.40 6.54 16.22
C HIS B 264 2.14 5.94 14.81
N GLU B 265 2.91 6.34 13.77
CA GLU B 265 2.78 5.72 12.44
C GLU B 265 3.42 4.34 12.52
N ILE B 266 4.63 4.22 13.11
CA ILE B 266 5.32 2.93 13.25
C ILE B 266 4.47 1.99 14.13
N LEU B 267 3.87 2.52 15.22
CA LEU B 267 3.04 1.75 16.14
C LEU B 267 1.85 1.10 15.42
N GLY B 268 1.14 1.87 14.60
CA GLY B 268 0.01 1.35 13.85
C GLY B 268 0.42 0.39 12.75
N GLN B 269 1.48 0.74 11.99
CA GLN B 269 1.93 -0.08 10.85
C GLN B 269 2.64 -1.39 11.23
N ALA B 270 3.55 -1.35 12.22
CA ALA B 270 4.38 -2.50 12.60
C ALA B 270 4.17 -3.08 14.01
N GLY B 271 3.51 -2.34 14.91
CA GLY B 271 3.25 -2.84 16.26
C GLY B 271 4.17 -2.30 17.34
N ARG B 272 3.81 -2.57 18.61
CA ARG B 272 4.55 -2.10 19.77
C ARG B 272 6.00 -2.67 19.85
N PRO B 273 6.28 -3.98 19.65
CA PRO B 273 7.68 -4.45 19.69
C PRO B 273 8.58 -3.78 18.65
N ALA B 274 8.03 -3.39 17.48
CA ALA B 274 8.81 -2.71 16.44
C ALA B 274 9.20 -1.30 16.89
N VAL B 275 8.33 -0.60 17.65
CA VAL B 275 8.65 0.75 18.16
C VAL B 275 9.75 0.62 19.21
N VAL B 276 9.63 -0.36 20.12
CA VAL B 276 10.62 -0.59 21.18
C VAL B 276 11.98 -0.93 20.55
N ASN B 277 12.00 -1.83 19.55
CA ASN B 277 13.25 -2.19 18.87
C ASN B 277 13.86 -1.00 18.10
N PHE B 278 13.03 -0.14 17.50
CA PHE B 278 13.48 1.06 16.80
C PHE B 278 14.19 2.02 17.77
N LEU B 279 13.59 2.23 18.96
CA LEU B 279 14.19 3.11 19.97
C LEU B 279 15.46 2.48 20.56
N LYS B 280 15.49 1.15 20.76
CA LYS B 280 16.68 0.46 21.25
C LYS B 280 17.83 0.63 20.23
N LYS B 281 17.53 0.50 18.93
CA LYS B 281 18.54 0.65 17.88
C LYS B 281 19.15 2.05 17.84
N ILE B 282 18.34 3.11 18.11
CA ILE B 282 18.84 4.48 18.13
C ILE B 282 19.93 4.63 19.22
N VAL B 283 19.63 4.21 20.46
CA VAL B 283 20.60 4.34 21.55
C VAL B 283 21.72 3.29 21.49
N HIS B 284 21.55 2.18 20.77
CA HIS B 284 22.63 1.21 20.58
C HIS B 284 23.67 1.81 19.62
N ARG B 285 23.20 2.44 18.53
CA ARG B 285 24.07 3.05 17.54
C ARG B 285 24.65 4.39 18.03
N PHE B 286 23.85 5.19 18.76
CA PHE B 286 24.27 6.50 19.29
C PHE B 286 24.02 6.55 20.82
N PRO B 287 24.92 5.96 21.65
CA PRO B 287 24.66 5.95 23.11
C PRO B 287 24.53 7.29 23.84
N ALA B 288 25.18 8.36 23.37
CA ALA B 288 25.12 9.67 24.02
C ALA B 288 24.08 10.63 23.40
N ILE B 289 23.20 10.13 22.52
CA ILE B 289 22.21 10.99 21.83
C ILE B 289 21.10 11.52 22.75
N ASN B 290 20.49 12.64 22.34
CA ASN B 290 19.34 13.26 23.01
C ASN B 290 18.17 13.08 22.04
N LEU B 291 17.09 12.45 22.48
CA LEU B 291 15.93 12.21 21.62
C LEU B 291 14.81 13.18 22.01
N ILE B 292 14.19 13.84 21.02
CA ILE B 292 13.06 14.73 21.25
C ILE B 292 11.91 14.09 20.48
N ILE B 293 10.90 13.60 21.20
CA ILE B 293 9.76 12.90 20.60
C ILE B 293 8.51 13.72 20.85
N ILE B 294 7.70 13.98 19.81
CA ILE B 294 6.45 14.71 19.98
C ILE B 294 5.32 13.77 19.57
N GLU B 295 4.31 13.66 20.42
CA GLU B 295 3.16 12.81 20.19
C GLU B 295 1.88 13.46 20.70
N VAL B 296 0.73 12.98 20.20
CA VAL B 296 -0.56 13.47 20.64
C VAL B 296 -1.13 12.43 21.62
N ASP B 297 -1.45 12.89 22.83
CA ASP B 297 -2.05 12.07 23.89
C ASP B 297 -3.47 11.73 23.44
N ASN B 298 -3.83 10.42 23.40
CA ASN B 298 -5.17 10.02 22.97
C ASN B 298 -6.19 10.18 24.10
N GLN B 299 -6.96 11.28 24.07
CA GLN B 299 -8.03 11.55 25.05
C GLN B 299 -9.38 11.69 24.31
N PHE B 300 -9.58 10.85 23.27
CA PHE B 300 -10.77 10.88 22.41
C PHE B 300 -12.06 10.62 23.19
N ASP B 301 -11.98 9.80 24.25
CA ASP B 301 -13.13 9.44 25.10
C ASP B 301 -13.19 10.22 26.42
N ASN B 302 -12.41 11.34 26.55
CA ASN B 302 -12.39 12.16 27.76
C ASN B 302 -13.39 13.32 27.53
N ALA B 303 -14.59 13.22 28.12
CA ALA B 303 -15.65 14.21 27.93
C ALA B 303 -15.20 15.68 28.14
N GLY B 304 -14.49 15.96 29.24
CA GLY B 304 -14.00 17.30 29.56
C GLY B 304 -12.99 17.85 28.59
N ALA B 305 -12.02 17.02 28.20
CA ALA B 305 -10.99 17.43 27.25
C ALA B 305 -11.60 17.75 25.88
N MET B 306 -12.63 17.00 25.44
CA MET B 306 -13.22 17.20 24.13
C MET B 306 -14.17 18.42 24.01
N ARG B 307 -14.46 19.13 25.12
CA ARG B 307 -15.28 20.35 25.04
C ARG B 307 -14.43 21.63 24.79
N HIS B 308 -13.08 21.52 24.84
CA HIS B 308 -12.16 22.63 24.53
C HIS B 308 -12.36 22.99 23.06
N GLY B 309 -12.49 24.28 22.74
CA GLY B 309 -12.69 24.73 21.37
C GLY B 309 -11.71 24.18 20.34
N LEU B 310 -10.42 24.07 20.72
CA LEU B 310 -9.41 23.51 19.80
C LEU B 310 -9.51 21.99 19.73
N ALA B 311 -9.90 21.33 20.85
CA ALA B 311 -10.10 19.88 20.83
C ALA B 311 -11.24 19.52 19.85
N LEU B 312 -12.32 20.30 19.83
CA LEU B 312 -13.42 20.07 18.89
C LEU B 312 -13.01 20.39 17.44
N ALA B 313 -12.35 21.53 17.21
CA ALA B 313 -12.00 21.96 15.85
C ALA B 313 -10.91 21.12 15.18
N TYR B 314 -9.88 20.71 15.94
CA TYR B 314 -8.73 19.96 15.40
C TYR B 314 -8.58 18.52 15.90
N TYR B 315 -8.55 18.30 17.24
CA TYR B 315 -8.26 16.96 17.75
C TYR B 315 -9.37 15.94 17.49
N ASN B 316 -10.65 16.35 17.48
CA ASN B 316 -11.75 15.42 17.21
C ASN B 316 -11.61 14.82 15.77
N PRO B 317 -11.46 15.63 14.67
CA PRO B 317 -11.21 15.01 13.36
C PRO B 317 -9.84 14.30 13.25
N TYR B 318 -8.81 14.74 14.02
CA TYR B 318 -7.49 14.09 14.03
C TYR B 318 -7.61 12.67 14.62
N TYR B 319 -8.34 12.51 15.72
CA TYR B 319 -8.55 11.18 16.31
C TYR B 319 -9.37 10.31 15.34
N LEU B 320 -10.40 10.88 14.68
CA LEU B 320 -11.22 10.14 13.73
C LEU B 320 -10.37 9.59 12.56
N LEU B 321 -9.55 10.45 11.92
CA LEU B 321 -8.72 9.99 10.80
C LEU B 321 -7.72 8.90 11.23
N HIS B 322 -7.26 8.91 12.51
CA HIS B 322 -6.35 7.88 13.01
C HIS B 322 -7.03 6.51 13.16
N CYS B 323 -8.37 6.46 13.37
CA CYS B 323 -9.10 5.18 13.40
C CYS B 323 -9.23 4.58 11.98
N PHE B 324 -9.15 5.40 10.91
CA PHE B 324 -9.32 4.91 9.53
C PHE B 324 -8.01 4.71 8.78
N THR B 325 -6.87 5.20 9.30
CA THR B 325 -5.57 5.03 8.67
C THR B 325 -4.71 4.04 9.48
N ASN B 326 -3.58 3.56 8.90
CA ASN B 326 -2.68 2.61 9.56
CA ASN B 326 -2.69 2.62 9.57
C ASN B 326 -1.74 3.34 10.54
N GLN B 327 -2.32 4.07 11.48
CA GLN B 327 -1.63 4.85 12.52
C GLN B 327 -2.36 4.57 13.83
N LEU B 328 -1.65 4.66 14.97
CA LEU B 328 -2.29 4.42 16.27
C LEU B 328 -1.82 5.40 17.31
N LEU B 329 -2.75 6.20 17.86
CA LEU B 329 -2.45 7.15 18.91
C LEU B 329 -2.72 6.48 20.26
N VAL B 330 -1.81 6.64 21.21
CA VAL B 330 -1.95 6.07 22.56
C VAL B 330 -1.81 7.21 23.62
N GLN B 331 -1.95 6.89 24.92
CA GLN B 331 -1.88 7.90 25.97
C GLN B 331 -0.45 8.22 26.41
N ASP B 332 -0.27 9.37 27.09
CA ASP B 332 1.01 9.82 27.65
C ASP B 332 1.70 8.71 28.48
N ALA B 333 0.94 8.00 29.35
CA ALA B 333 1.48 6.91 30.16
C ALA B 333 1.94 5.72 29.33
N ASP B 334 1.24 5.43 28.22
CA ASP B 334 1.60 4.33 27.33
C ASP B 334 2.95 4.63 26.67
N TRP B 335 3.19 5.89 26.26
CA TRP B 335 4.47 6.26 25.68
C TRP B 335 5.60 6.17 26.71
N LEU B 336 5.37 6.66 27.94
CA LEU B 336 6.40 6.55 28.99
C LEU B 336 6.77 5.09 29.29
N ASP B 337 5.80 4.17 29.20
CA ASP B 337 6.03 2.73 29.39
C ASP B 337 6.92 2.18 28.25
N ILE B 338 6.64 2.59 27.01
CA ILE B 338 7.41 2.19 25.83
C ILE B 338 8.86 2.67 25.98
N PHE B 339 9.05 3.93 26.40
CA PHE B 339 10.38 4.50 26.58
C PHE B 339 11.17 3.73 27.66
N ALA B 340 10.53 3.36 28.77
CA ALA B 340 11.18 2.59 29.84
C ALA B 340 11.63 1.21 29.33
N GLU B 341 10.78 0.50 28.57
CA GLU B 341 11.15 -0.81 28.02
C GLU B 341 12.27 -0.71 26.99
N ALA B 342 12.35 0.38 26.23
CA ALA B 342 13.44 0.57 25.27
C ALA B 342 14.78 0.97 25.93
N GLY B 343 14.84 1.06 27.26
CA GLY B 343 16.05 1.43 27.97
C GLY B 343 16.35 2.92 27.95
N LEU B 344 15.31 3.77 27.96
CA LEU B 344 15.48 5.23 27.95
C LEU B 344 15.07 5.81 29.31
N SER B 345 15.64 6.97 29.65
CA SER B 345 15.35 7.70 30.88
C SER B 345 14.78 9.08 30.51
N LEU B 346 13.66 9.47 31.14
CA LEU B 346 13.03 10.76 30.88
C LEU B 346 13.79 11.90 31.55
N VAL B 347 14.28 12.87 30.76
CA VAL B 347 14.96 14.04 31.31
C VAL B 347 13.83 14.98 31.71
N THR B 348 12.96 15.38 30.75
CA THR B 348 11.81 16.23 31.06
C THR B 348 10.74 16.09 29.97
N ARG B 349 9.53 16.54 30.27
CA ARG B 349 8.46 16.56 29.30
C ARG B 349 7.63 17.83 29.47
N GLU B 350 7.12 18.33 28.35
CA GLU B 350 6.39 19.58 28.30
C GLU B 350 5.27 19.53 27.29
N THR B 351 4.28 20.42 27.43
CA THR B 351 3.21 20.59 26.45
C THR B 351 3.48 21.93 25.71
N THR B 352 2.68 22.25 24.71
CA THR B 352 2.81 23.47 23.92
C THR B 352 2.43 24.72 24.74
N SER B 353 2.84 25.91 24.25
CA SER B 353 2.48 27.19 24.89
C SER B 353 0.94 27.33 24.90
N ASP B 354 0.37 27.78 26.03
CA ASP B 354 -1.08 27.96 26.11
C ASP B 354 -1.61 29.13 25.23
N GLN B 355 -0.71 29.88 24.56
CA GLN B 355 -1.11 30.93 23.63
C GLN B 355 -1.43 30.36 22.23
N VAL B 356 -0.95 29.15 21.88
CA VAL B 356 -1.22 28.52 20.59
C VAL B 356 -2.08 27.25 20.73
N ASP B 357 -1.87 26.44 21.79
CA ASP B 357 -2.61 25.20 22.02
C ASP B 357 -2.59 24.89 23.52
N SER B 358 -3.70 25.20 24.19
CA SER B 358 -3.85 25.02 25.63
C SER B 358 -4.62 23.74 25.99
N THR B 359 -4.70 22.76 25.07
CA THR B 359 -5.41 21.51 25.36
C THR B 359 -4.60 20.56 26.25
N GLY B 360 -3.27 20.67 26.22
CA GLY B 360 -2.39 19.75 26.93
C GLY B 360 -2.24 18.40 26.24
N LEU B 361 -2.79 18.26 24.99
CA LEU B 361 -2.76 17.01 24.25
C LEU B 361 -1.49 16.81 23.43
N GLU B 362 -0.77 17.88 23.05
CA GLU B 362 0.49 17.75 22.32
C GLU B 362 1.59 17.73 23.37
N ILE B 363 2.33 16.60 23.48
CA ILE B 363 3.38 16.44 24.50
C ILE B 363 4.72 16.14 23.84
N GLY B 364 5.76 16.84 24.28
CA GLY B 364 7.12 16.64 23.82
C GLY B 364 7.94 16.04 24.94
N TYR B 365 8.73 15.02 24.64
CA TYR B 365 9.55 14.30 25.60
C TYR B 365 11.01 14.46 25.23
N LEU B 366 11.88 14.72 26.22
CA LEU B 366 13.32 14.80 25.99
C LEU B 366 13.88 13.58 26.73
N LEU B 367 14.47 12.63 26.00
CA LEU B 367 14.98 11.39 26.56
C LEU B 367 16.47 11.17 26.29
N ARG B 368 17.09 10.30 27.10
CA ARG B 368 18.49 9.90 26.99
C ARG B 368 18.59 8.38 27.29
N ARG B 369 19.73 7.77 26.96
CA ARG B 369 19.96 6.35 27.26
C ARG B 369 20.07 6.20 28.78
N ALA B 370 19.34 5.24 29.36
CA ALA B 370 19.37 5.03 30.81
C ALA B 370 20.73 4.44 31.27
C01 NWG C . 3.15 -16.03 -7.83
C02 NWG C . 2.94 -14.56 -8.07
C05 NWG C . 2.03 -16.99 -8.17
C06 NWG C . 2.46 -18.45 -8.14
C07 NWG C . 3.31 -18.80 -9.33
C09 NWG C . 3.70 -20.90 -10.40
N08 NWG C . 3.62 -20.24 -9.32
N10 NWG C . 4.89 -21.36 -10.85
N11 NWG C . 2.62 -21.15 -11.12
O03 NWG C . 1.97 -14.21 -8.77
O04 NWG C . 3.73 -13.80 -7.52
O12 NWG C . 4.20 -16.39 -7.34
H1 NWG C . 1.23 -16.83 -7.44
H2 NWG C . 1.65 -16.74 -9.17
H3 NWG C . 2.98 -18.68 -7.22
H4 NWG C . 1.56 -19.07 -8.13
H5 NWG C . 2.86 -18.50 -10.27
H6 NWG C . 4.95 -21.89 -11.72
H7 NWG C . 5.74 -21.20 -10.33
H8 NWG C . 2.72 -21.67 -11.98
H10 NWG C . 4.27 -18.27 -9.27
H11 NWG C . 1.68 -20.85 -10.83
MG MG D . 5.16 -14.46 -6.40
C1 PEG E . -6.52 -14.12 11.44
O1 PEG E . -5.89 -12.86 11.59
C2 PEG E . -7.26 -14.51 12.68
O2 PEG E . -7.51 -15.91 12.67
C3 PEG E . -7.43 -16.60 13.92
C4 PEG E . -8.68 -16.41 14.73
O4 PEG E . -9.78 -17.10 14.16
H11 PEG E . -7.19 -14.07 10.59
H12 PEG E . -5.73 -14.85 11.23
HO1 PEG E . -6.61 -12.20 11.70
H21 PEG E . -6.65 -14.22 13.55
H22 PEG E . -8.21 -13.98 12.72
H31 PEG E . -7.29 -17.67 13.73
H32 PEG E . -6.56 -16.23 14.48
H41 PEG E . -8.54 -16.83 15.72
H42 PEG E . -8.96 -15.35 14.82
HO4 PEG E . -10.54 -16.96 14.74
C1 PGE F . -3.05 -28.31 -29.62
O1 PGE F . -4.41 -28.46 -29.93
C2 PGE F . -2.83 -27.61 -28.32
O2 PGE F . -2.59 -26.21 -28.54
C3 PGE F . -3.72 -25.36 -28.42
C4 PGE F . -3.27 -23.95 -28.19
O4 PGE F . -3.13 -19.62 -30.24
C6 PGE F . -3.82 -20.86 -30.11
C5 PGE F . -3.11 -21.79 -29.18
O3 PGE F . -3.73 -23.08 -29.21
H1 PGE F . -2.59 -29.30 -29.60
H12 PGE F . -2.60 -27.73 -30.44
HO1 PGE F . -4.46 -29.04 -30.71
H2 PGE F . -3.69 -27.76 -27.66
H22 PGE F . -1.94 -28.02 -27.84
H3 PGE F . -4.34 -25.41 -29.33
H32 PGE F . -4.31 -25.64 -27.56
H4 PGE F . -3.72 -23.62 -27.25
H42 PGE F . -2.18 -23.92 -28.13
HO4 PGE F . -3.64 -19.08 -30.85
H6 PGE F . -3.86 -21.30 -31.11
H62 PGE F . -4.84 -20.66 -29.76
H5 PGE F . -3.16 -21.38 -28.16
H52 PGE F . -2.08 -21.90 -29.49
C1 EDO G . -12.01 -26.39 11.04
O1 EDO G . -12.79 -26.51 9.86
C2 EDO G . -10.73 -25.61 10.77
O2 EDO G . -10.56 -24.57 11.72
H11 EDO G . -12.63 -25.89 11.79
H12 EDO G . -11.77 -27.39 11.37
HO1 EDO G . -13.65 -26.89 10.12
H21 EDO G . -9.87 -26.28 10.86
H22 EDO G . -10.73 -25.16 9.77
HO2 EDO G . -9.68 -24.17 11.55
NA NA H . 9.59 -14.09 -22.78
NA NA I . -9.11 -7.09 -7.27
NA NA J . 10.76 -7.27 -6.29
MG MG K . -0.14 -20.38 -2.20
MG MG L . -0.24 10.94 12.55
C1 PEG M . -34.50 21.51 15.09
O1 PEG M . -33.65 21.42 16.21
C2 PEG M . -33.77 21.94 13.85
O2 PEG M . -32.68 21.04 13.62
C3 PEG M . -32.07 21.20 12.35
C4 PEG M . -31.08 20.09 12.13
O4 PEG M . -29.80 20.42 12.67
H11 PEG M . -34.98 20.54 14.95
H12 PEG M . -35.28 22.26 15.34
HO1 PEG M . -33.00 20.72 16.02
H21 PEG M . -34.46 21.89 13.01
H22 PEG M . -33.38 22.95 13.97
H31 PEG M . -32.83 21.17 11.57
H32 PEG M . -31.56 22.17 12.33
H41 PEG M . -31.41 19.18 12.62
H42 PEG M . -30.95 19.90 11.07
HO4 PEG M . -29.26 19.62 12.61
C1 PEG N . 17.69 4.82 2.31
O1 PEG N . 17.02 3.74 2.94
C2 PEG N . 18.39 5.70 3.31
O2 PEG N . 19.61 6.16 2.76
C3 PEG N . 20.39 7.01 3.60
C4 PEG N . 21.75 6.40 3.78
O4 PEG N . 22.76 7.11 3.07
H11 PEG N . 18.41 4.40 1.60
H12 PEG N . 16.95 5.40 1.76
HO1 PEG N . 16.32 4.12 3.49
H21 PEG N . 18.62 5.13 4.22
H22 PEG N . 17.76 6.55 3.56
H31 PEG N . 20.46 8.00 3.13
H32 PEG N . 19.93 7.13 4.59
H41 PEG N . 22.03 6.44 4.84
H42 PEG N . 21.76 5.36 3.45
HO4 PEG N . 23.58 6.60 3.19
C1 PEG O . -16.43 7.11 -2.88
O1 PEG O . -16.86 6.59 -4.13
C2 PEG O . -14.96 6.93 -2.65
O2 PEG O . -14.36 8.20 -2.48
C3 PEG O . -12.96 8.24 -2.78
C4 PEG O . -12.42 9.61 -2.48
O4 PEG O . -13.05 10.61 -3.27
H11 PEG O . -16.68 8.18 -2.86
H12 PEG O . -17.00 6.60 -2.10
HO1 PEG O . -17.79 6.85 -4.24
H21 PEG O . -14.81 6.36 -1.72
H22 PEG O . -14.50 6.38 -3.48
H31 PEG O . -12.44 7.49 -2.17
H32 PEG O . -12.83 8.03 -3.85
H41 PEG O . -12.61 9.86 -1.44
H42 PEG O . -11.35 9.64 -2.67
HO4 PEG O . -12.54 11.42 -3.15
C1 EDO P . 11.45 5.30 0.14
O1 EDO P . 10.40 4.77 0.93
C2 EDO P . 12.56 4.30 -0.12
O2 EDO P . 12.12 2.96 0.12
H11 EDO P . 11.02 5.64 -0.81
H12 EDO P . 11.86 6.16 0.68
HO1 EDO P . 9.69 5.44 0.95
H21 EDO P . 12.89 4.35 -1.16
H22 EDO P . 13.41 4.49 0.53
HO2 EDO P . 12.90 2.39 0.04
C1 EDO Q . 24.88 18.09 4.92
O1 EDO Q . 25.31 18.25 3.58
C2 EDO Q . 25.43 16.79 5.48
O2 EDO Q . 24.63 16.36 6.58
H11 EDO Q . 23.79 18.08 4.93
H12 EDO Q . 25.26 18.94 5.49
HO1 EDO Q . 25.03 19.13 3.30
H21 EDO Q . 25.40 16.01 4.73
H22 EDO Q . 26.45 16.93 5.83
HO2 EDO Q . 25.06 15.56 6.93
C01 NWG R . 0.02 13.76 11.80
C02 NWG R . -0.76 13.02 10.76
C05 NWG R . 0.59 15.11 11.45
C06 NWG R . 1.14 15.88 12.64
C07 NWG R . 0.02 16.41 13.52
C09 NWG R . -0.03 18.25 15.03
N08 NWG R . 0.58 17.22 14.60
N10 NWG R . -0.60 18.27 16.24
N11 NWG R . -0.12 19.35 14.27
O03 NWG R . -1.16 13.64 9.76
O04 NWG R . -0.96 11.82 10.98
O12 NWG R . 0.23 13.23 12.89
H1 NWG R . 1.38 14.96 10.71
H2 NWG R . -0.20 15.71 10.97
H3 NWG R . 1.81 15.25 13.22
H4 NWG R . 1.75 16.72 12.28
H5 NWG R . -0.73 16.97 12.94
H6 NWG R . -1.09 19.10 16.58
H7 NWG R . -0.56 17.47 16.85
H8 NWG R . -0.63 20.15 14.64
H10 NWG R . -0.51 15.57 13.98
H11 NWG R . 0.31 19.42 13.34
NA NA S . -5.42 3.39 12.95
MG MG T . 8.08 14.66 11.85
#